data_5I74
#
_entry.id   5I74
#
_cell.length_a   129.590
_cell.length_b   164.000
_cell.length_c   140.170
_cell.angle_alpha   90.00
_cell.angle_beta   90.00
_cell.angle_gamma   90.00
#
_symmetry.space_group_name_H-M   'C 2 2 21'
#
loop_
_entity.id
_entity.type
_entity.pdbx_description
1 polymer 'Sodium-dependent serotonin transporter'
2 polymer '8B6 antibody, heavy chain'
3 polymer '8B6 antibody, light chain'
4 non-polymer (1S)-1-(4-bromophenyl)-1-[3-(dimethylamino)propyl]-1,3-dihydro-2-benzofuran-5-carbonitrile
5 non-polymer 2-acetamido-2-deoxy-beta-D-glucopyranose
6 non-polymer CHOLESTEROL
7 non-polymer DODECANE
8 non-polymer HEXANE
#
loop_
_entity_poly.entity_id
_entity_poly.type
_entity_poly.pdbx_seq_one_letter_code
_entity_poly.pdbx_strand_id
1 'polypeptide(L)'
;GSQGERETWGKKVDFLLSVIGYAVDLGNVWRFPYICAQNGGGAFLLPYTIMAIFGGIPLFYMELALGQYHRNGCISIWRK
ICPIFKGIGYAICIIAFYIASYYNTIMAWALYYLISSFTDQLPWTSCKNSWNTGNCTNYFSEDNITWTLHSTSPAEEFYT
RHVLQIHRSKGLQDLGGISWQLALCIMLIFTVIYFSIWKGVKTSGKVVWVTATFPYIALSVLLVRGATLPGAWRGVLFYL
KPNWQKLLETGVWIDAAAQIFFSLGPGFGVLLAFASYNKFNNNCYQDALVTSVVNCMTSFVSGFVIFTVLGYMAEMRNED
VSEVAKDAGPSLLFITYAEAIANMPASTFFAIIFFLMLITLGLDSSFAGLEGVITAVLDEFPHVWAKRRERFVLAVVITC
FFGSLVTLTFGGAYVVKLLEEYATGPAVLTVALIEAVAVSWFYGITQFCRDVKEMLGFSPGWFWRICWVAISPLFLLFII
ASFLMSPPQLRLFQYNYPYWSIILGYAIGTSSFICIPTYIAYRLIITPGTFKERIIKSITPETPTLVPR
;
A
2 'polypeptide(L)'
;EVQLQQSGPELVKPGASVKISCKASGYTFTDYYMNWVKQSHGKSLEWIGNINPNNGGTSYNQKFKGKATLTVDKSSTTAY
MELRSLTSEDSAVYYCTRSPVRPYYFDYWGQGTTLTVSSAKTTPPSVYPLAPGCGDTTGSSVTLGCLVKGYFPESVTVTW
NSGSLSSSVHTFPALLQSGLYTMSSSVTVPSSTWPSQTVTCSVAHPASSTTVDKKLEPSGP
;
B
3 'polypeptide(L)'
;DIVMTQSHKFMSTSVGDRVSITCKASQDVSTAVAWYQQKPGQSPKLLIYSASYRYTGVPDRFTGSGSGTDFTFTISSVQA
EDLAVYYCQQHYSIPRTFGGGTKLEIKRADAAPTVSIFPPSSEQLTSGGASVVCFLNNFYPKDINVKWKIDGSERQNGVL
NSWTDQDSKDSTYSMSSTLTLTKDEYERHNSYTCEATHKTSTSPIVKSFNRNEC
;
C
#
loop_
_chem_comp.id
_chem_comp.type
_chem_comp.name
_chem_comp.formula
69D non-polymer (1S)-1-(4-bromophenyl)-1-[3-(dimethylamino)propyl]-1,3-dihydro-2-benzofuran-5-carbonitrile 'C20 H21 Br N2 O'
CLR non-polymer CHOLESTEROL 'C27 H46 O'
D12 non-polymer DODECANE 'C12 H26'
HEX non-polymer HEXANE 'C6 H14'
NAG D-saccharide, beta linking 2-acetamido-2-deoxy-beta-D-glucopyranose 'C8 H15 N O6'
#
# COMPACT_ATOMS: atom_id res chain seq x y z
N GLY A 1 -26.26 -43.08 -17.42
CA GLY A 1 -26.12 -41.63 -17.33
C GLY A 1 -24.74 -41.13 -17.73
N SER A 2 -24.61 -39.81 -17.85
CA SER A 2 -23.33 -39.23 -18.23
C SER A 2 -22.33 -39.30 -17.08
N GLN A 3 -22.73 -38.83 -15.90
CA GLN A 3 -21.87 -38.85 -14.72
C GLN A 3 -22.67 -39.44 -13.57
N GLY A 4 -22.24 -40.59 -13.07
CA GLY A 4 -22.98 -41.31 -12.05
C GLY A 4 -22.85 -40.80 -10.63
N GLU A 5 -21.62 -40.55 -10.18
CA GLU A 5 -21.37 -40.32 -8.77
C GLU A 5 -20.14 -39.45 -8.59
N ARG A 6 -20.00 -38.90 -7.37
CA ARG A 6 -18.89 -38.04 -7.01
C ARG A 6 -17.79 -38.85 -6.32
N GLU A 7 -16.76 -38.14 -5.87
CA GLU A 7 -15.60 -38.77 -5.27
C GLU A 7 -15.78 -38.92 -3.76
N THR A 8 -14.74 -39.42 -3.09
CA THR A 8 -14.76 -39.63 -1.66
C THR A 8 -13.35 -39.40 -1.11
N TRP A 9 -13.20 -39.66 0.19
CA TRP A 9 -11.93 -39.44 0.88
C TRP A 9 -10.97 -40.61 0.66
N GLY A 10 -9.67 -40.29 0.62
CA GLY A 10 -8.67 -41.34 0.49
C GLY A 10 -8.47 -42.11 1.77
N LYS A 11 -8.55 -41.42 2.91
CA LYS A 11 -8.42 -42.07 4.21
C LYS A 11 -9.20 -41.25 5.23
N LYS A 12 -9.68 -41.94 6.28
CA LYS A 12 -10.37 -41.27 7.37
C LYS A 12 -9.51 -40.18 7.99
N VAL A 13 -8.22 -40.47 8.19
CA VAL A 13 -7.34 -39.52 8.86
C VAL A 13 -7.09 -38.29 7.99
N ASP A 14 -7.24 -38.44 6.67
CA ASP A 14 -6.98 -37.32 5.77
C ASP A 14 -7.99 -36.20 5.96
N PHE A 15 -9.28 -36.52 5.88
CA PHE A 15 -10.30 -35.50 6.13
C PHE A 15 -10.45 -35.19 7.61
N LEU A 16 -10.20 -36.17 8.48
CA LEU A 16 -10.20 -35.91 9.91
C LEU A 16 -9.19 -34.83 10.27
N LEU A 17 -8.03 -34.84 9.63
CA LEU A 17 -7.05 -33.78 9.79
C LEU A 17 -7.33 -32.58 8.89
N SER A 18 -8.15 -32.75 7.86
CA SER A 18 -8.46 -31.63 6.96
C SER A 18 -9.42 -30.65 7.61
N VAL A 19 -10.47 -31.17 8.28
CA VAL A 19 -11.38 -30.29 8.99
C VAL A 19 -10.67 -29.61 10.17
N ILE A 20 -9.74 -30.31 10.81
CA ILE A 20 -8.97 -29.72 11.90
C ILE A 20 -8.06 -28.62 11.37
N GLY A 21 -7.34 -28.90 10.29
CA GLY A 21 -6.53 -27.87 9.65
C GLY A 21 -7.34 -26.68 9.20
N TYR A 22 -8.60 -26.91 8.83
CA TYR A 22 -9.50 -25.79 8.54
C TYR A 22 -9.81 -24.99 9.80
N ALA A 23 -10.13 -25.69 10.89
CA ALA A 23 -10.56 -25.01 12.11
C ALA A 23 -9.41 -24.37 12.87
N VAL A 24 -8.16 -24.79 12.63
CA VAL A 24 -7.00 -24.25 13.33
C VAL A 24 -6.37 -23.19 12.43
N ASP A 25 -6.21 -21.98 12.96
CA ASP A 25 -5.66 -20.87 12.20
C ASP A 25 -4.99 -19.90 13.17
N LEU A 26 -4.65 -18.71 12.67
CA LEU A 26 -3.95 -17.73 13.48
C LEU A 26 -4.76 -17.32 14.69
N GLY A 27 -6.07 -17.13 14.52
CA GLY A 27 -6.91 -16.68 15.63
C GLY A 27 -6.82 -17.58 16.83
N ASN A 28 -6.72 -18.89 16.61
CA ASN A 28 -6.49 -19.82 17.71
C ASN A 28 -5.18 -19.54 18.42
N VAL A 29 -4.16 -19.08 17.67
CA VAL A 29 -2.84 -18.89 18.25
C VAL A 29 -2.77 -17.59 19.05
N TRP A 30 -3.29 -16.50 18.51
CA TRP A 30 -3.18 -15.19 19.14
C TRP A 30 -4.51 -14.71 19.73
N ARG A 31 -5.57 -14.64 18.93
CA ARG A 31 -6.83 -14.04 19.38
C ARG A 31 -7.34 -14.65 20.69
N PHE A 32 -7.27 -15.98 20.82
CA PHE A 32 -7.81 -16.61 22.03
C PHE A 32 -7.00 -16.27 23.28
N PRO A 33 -5.66 -16.36 23.29
CA PRO A 33 -4.93 -15.98 24.52
C PRO A 33 -5.22 -14.56 25.00
N TYR A 34 -5.27 -13.58 24.09
CA TYR A 34 -5.51 -12.20 24.51
C TYR A 34 -6.88 -12.04 25.14
N ILE A 35 -7.93 -12.46 24.43
CA ILE A 35 -9.28 -12.34 24.95
C ILE A 35 -9.47 -13.17 26.21
N CYS A 36 -8.66 -14.22 26.39
CA CYS A 36 -8.73 -15.00 27.61
C CYS A 36 -8.09 -14.27 28.78
N ALA A 37 -7.01 -13.53 28.51
CA ALA A 37 -6.30 -12.84 29.59
C ALA A 37 -7.06 -11.59 30.05
N GLN A 38 -7.57 -10.78 29.12
CA GLN A 38 -8.20 -9.52 29.51
C GLN A 38 -9.60 -9.72 30.07
N ASN A 39 -10.24 -10.85 29.82
CA ASN A 39 -11.55 -11.16 30.36
C ASN A 39 -11.42 -12.33 31.33
N GLY A 40 -11.52 -12.06 32.63
CA GLY A 40 -11.59 -13.09 33.63
C GLY A 40 -10.34 -13.90 33.87
N GLY A 41 -9.31 -13.74 33.04
CA GLY A 41 -8.14 -14.59 33.15
C GLY A 41 -8.51 -16.05 32.93
N GLY A 42 -7.96 -16.92 33.77
CA GLY A 42 -8.29 -18.34 33.68
C GLY A 42 -9.78 -18.62 33.85
N ALA A 43 -10.47 -17.79 34.61
CA ALA A 43 -11.91 -17.94 34.78
C ALA A 43 -12.67 -17.80 33.46
N PHE A 44 -12.02 -17.31 32.40
CA PHE A 44 -12.64 -17.27 31.09
C PHE A 44 -12.88 -18.66 30.53
N LEU A 45 -12.25 -19.69 31.11
CA LEU A 45 -12.46 -21.05 30.60
C LEU A 45 -13.88 -21.53 30.83
N LEU A 46 -14.54 -21.06 31.90
CA LEU A 46 -15.89 -21.53 32.18
C LEU A 46 -16.89 -21.10 31.12
N PRO A 47 -17.03 -19.81 30.79
CA PRO A 47 -18.01 -19.44 29.74
C PRO A 47 -17.58 -19.87 28.34
N TYR A 48 -16.29 -20.05 28.10
CA TYR A 48 -15.83 -20.47 26.77
C TYR A 48 -16.34 -21.86 26.43
N THR A 49 -16.42 -22.75 27.41
CA THR A 49 -16.93 -24.09 27.16
C THR A 49 -18.44 -24.10 27.06
N ILE A 50 -19.12 -23.30 27.89
CA ILE A 50 -20.59 -23.26 27.87
C ILE A 50 -21.08 -22.78 26.52
N MET A 51 -20.45 -21.74 25.97
CA MET A 51 -20.79 -21.29 24.63
C MET A 51 -20.37 -22.29 23.56
N ALA A 52 -19.44 -23.18 23.87
CA ALA A 52 -19.06 -24.24 22.95
C ALA A 52 -20.08 -25.38 22.99
N ILE A 53 -20.22 -26.00 24.16
CA ILE A 53 -21.11 -27.15 24.33
C ILE A 53 -22.52 -26.80 23.84
N PHE A 54 -23.07 -25.69 24.34
CA PHE A 54 -24.43 -25.32 23.96
C PHE A 54 -24.46 -24.68 22.57
N GLY A 55 -23.66 -23.63 22.36
CA GLY A 55 -23.68 -22.94 21.08
C GLY A 55 -22.87 -23.53 19.94
N GLY A 56 -21.60 -23.83 20.20
CA GLY A 56 -20.67 -24.19 19.14
C GLY A 56 -20.76 -25.60 18.60
N ILE A 57 -20.79 -26.57 19.52
CA ILE A 57 -20.76 -27.99 19.14
C ILE A 57 -22.02 -28.39 18.38
N PRO A 58 -23.23 -27.98 18.78
CA PRO A 58 -24.41 -28.36 17.98
C PRO A 58 -24.44 -27.73 16.59
N LEU A 59 -23.82 -26.56 16.42
CA LEU A 59 -23.73 -25.98 15.08
C LEU A 59 -22.66 -26.67 14.24
N PHE A 60 -21.56 -27.09 14.89
CA PHE A 60 -20.51 -27.81 14.17
C PHE A 60 -20.98 -29.19 13.74
N TYR A 61 -21.68 -29.89 14.63
CA TYR A 61 -22.17 -31.23 14.35
C TYR A 61 -23.39 -31.21 13.45
N MET A 62 -24.28 -30.23 13.64
CA MET A 62 -25.44 -30.09 12.76
C MET A 62 -25.01 -29.67 11.36
N GLU A 63 -23.98 -28.82 11.27
CA GLU A 63 -23.43 -28.46 9.97
C GLU A 63 -22.69 -29.63 9.34
N LEU A 64 -22.02 -30.44 10.15
CA LEU A 64 -21.22 -31.55 9.64
C LEU A 64 -22.08 -32.74 9.23
N ALA A 65 -23.28 -32.88 9.80
CA ALA A 65 -24.12 -34.03 9.47
C ALA A 65 -24.83 -33.85 8.12
N LEU A 66 -25.33 -32.64 7.85
CA LEU A 66 -26.03 -32.39 6.60
C LEU A 66 -25.11 -32.60 5.39
N GLY A 67 -23.82 -32.29 5.54
CA GLY A 67 -22.89 -32.49 4.44
C GLY A 67 -22.68 -33.96 4.12
N GLN A 68 -22.46 -34.79 5.16
CA GLN A 68 -22.28 -36.20 4.95
C GLN A 68 -23.58 -36.91 4.61
N TYR A 69 -24.73 -36.28 4.85
CA TYR A 69 -26.00 -36.87 4.50
C TYR A 69 -26.37 -36.56 3.05
N HIS A 70 -26.57 -35.27 2.72
CA HIS A 70 -27.00 -34.90 1.38
C HIS A 70 -25.88 -34.99 0.35
N ARG A 71 -24.62 -34.86 0.79
CA ARG A 71 -23.46 -34.92 -0.10
C ARG A 71 -23.56 -33.90 -1.23
N ASN A 72 -24.03 -32.69 -0.89
CA ASN A 72 -24.19 -31.62 -1.86
C ASN A 72 -23.41 -30.40 -1.39
N GLY A 73 -23.15 -29.48 -2.33
CA GLY A 73 -22.43 -28.27 -2.02
C GLY A 73 -23.28 -27.31 -1.20
N CYS A 74 -22.69 -26.14 -0.95
CA CYS A 74 -23.36 -25.10 -0.18
C CYS A 74 -24.58 -24.52 -0.89
N ILE A 75 -24.72 -24.76 -2.19
CA ILE A 75 -25.82 -24.21 -2.97
C ILE A 75 -26.85 -25.30 -3.25
N SER A 76 -26.44 -26.35 -3.95
CA SER A 76 -27.36 -27.41 -4.36
C SER A 76 -28.04 -28.09 -3.18
N ILE A 77 -27.50 -27.98 -1.96
CA ILE A 77 -28.14 -28.59 -0.81
C ILE A 77 -29.41 -27.83 -0.43
N TRP A 78 -29.52 -26.56 -0.77
CA TRP A 78 -30.73 -25.80 -0.47
C TRP A 78 -31.86 -26.12 -1.45
N ARG A 79 -31.52 -26.48 -2.69
CA ARG A 79 -32.55 -26.94 -3.62
C ARG A 79 -33.25 -28.18 -3.08
N LYS A 80 -32.56 -28.98 -2.28
CA LYS A 80 -33.12 -30.19 -1.68
C LYS A 80 -33.71 -29.95 -0.30
N ILE A 81 -33.64 -28.74 0.23
CA ILE A 81 -34.21 -28.43 1.54
C ILE A 81 -35.23 -27.31 1.41
N CYS A 82 -34.72 -26.08 1.23
CA CYS A 82 -35.57 -24.89 1.09
C CYS A 82 -35.03 -24.08 -0.08
N PRO A 83 -35.54 -24.32 -1.29
CA PRO A 83 -34.98 -23.65 -2.48
C PRO A 83 -34.92 -22.14 -2.39
N ILE A 84 -35.86 -21.50 -1.69
CA ILE A 84 -35.83 -20.04 -1.56
C ILE A 84 -34.57 -19.58 -0.85
N PHE A 85 -34.00 -20.42 0.00
CA PHE A 85 -32.78 -20.10 0.72
C PHE A 85 -31.52 -20.48 -0.07
N LYS A 86 -31.68 -20.90 -1.32
CA LYS A 86 -30.54 -21.22 -2.17
C LYS A 86 -29.55 -20.05 -2.25
N GLY A 87 -30.07 -18.81 -2.19
CA GLY A 87 -29.19 -17.65 -2.23
C GLY A 87 -28.14 -17.66 -1.14
N ILE A 88 -28.42 -18.35 -0.02
CA ILE A 88 -27.41 -18.56 1.01
C ILE A 88 -26.12 -19.10 0.41
N GLY A 89 -26.24 -20.20 -0.35
CA GLY A 89 -25.07 -20.75 -1.01
C GLY A 89 -24.36 -19.76 -1.91
N TYR A 90 -25.09 -18.82 -2.49
CA TYR A 90 -24.46 -17.75 -3.25
C TYR A 90 -23.86 -16.69 -2.34
N ALA A 91 -24.61 -16.31 -1.29
CA ALA A 91 -24.12 -15.28 -0.37
C ALA A 91 -22.76 -15.68 0.20
N ILE A 92 -22.66 -16.90 0.73
CA ILE A 92 -21.38 -17.43 1.22
C ILE A 92 -20.30 -17.21 0.17
N CYS A 93 -20.59 -17.57 -1.08
CA CYS A 93 -19.63 -17.36 -2.16
C CYS A 93 -19.16 -15.91 -2.18
N ILE A 94 -20.10 -14.97 -2.27
CA ILE A 94 -19.73 -13.55 -2.23
C ILE A 94 -18.97 -13.25 -0.95
N ILE A 95 -19.49 -13.77 0.17
CA ILE A 95 -18.80 -13.60 1.45
C ILE A 95 -17.36 -14.11 1.35
N ALA A 96 -17.20 -15.31 0.77
CA ALA A 96 -15.86 -15.86 0.60
C ALA A 96 -14.99 -14.90 -0.20
N PHE A 97 -15.54 -14.32 -1.27
CA PHE A 97 -14.76 -13.40 -2.10
C PHE A 97 -14.24 -12.23 -1.28
N TYR A 98 -14.98 -11.81 -0.26
CA TYR A 98 -14.48 -10.75 0.62
C TYR A 98 -13.42 -11.30 1.56
N ILE A 99 -13.66 -12.48 2.13
CA ILE A 99 -12.74 -13.02 3.13
C ILE A 99 -11.38 -13.30 2.50
N ALA A 100 -11.38 -13.83 1.27
CA ALA A 100 -10.13 -14.10 0.58
C ALA A 100 -9.38 -12.84 0.21
N SER A 101 -9.99 -11.67 0.33
CA SER A 101 -9.30 -10.43 -0.03
C SER A 101 -8.24 -10.03 0.98
N TYR A 102 -8.41 -10.42 2.25
CA TYR A 102 -7.47 -10.09 3.31
C TYR A 102 -6.73 -11.31 3.84
N TYR A 103 -7.46 -12.34 4.28
CA TYR A 103 -6.89 -13.46 5.03
C TYR A 103 -5.63 -14.02 4.39
N ASN A 104 -5.49 -13.93 3.06
CA ASN A 104 -4.27 -14.40 2.42
C ASN A 104 -3.12 -13.40 2.56
N THR A 105 -3.42 -12.10 2.59
CA THR A 105 -2.37 -11.09 2.70
C THR A 105 -1.62 -11.19 4.02
N ILE A 106 -2.28 -11.69 5.06
CA ILE A 106 -1.60 -11.91 6.33
C ILE A 106 -0.50 -12.96 6.15
N MET A 107 -0.83 -14.08 5.52
CA MET A 107 0.18 -15.07 5.17
C MET A 107 1.23 -14.48 4.24
N ALA A 108 0.85 -13.49 3.42
CA ALA A 108 1.85 -12.81 2.59
C ALA A 108 2.84 -12.04 3.45
N TRP A 109 2.35 -11.39 4.51
CA TRP A 109 3.26 -10.74 5.47
C TRP A 109 4.17 -11.77 6.12
N ALA A 110 3.61 -12.88 6.59
CA ALA A 110 4.42 -13.91 7.23
C ALA A 110 5.45 -14.48 6.26
N LEU A 111 5.12 -14.53 4.97
CA LEU A 111 6.05 -15.03 3.96
C LEU A 111 7.17 -14.02 3.69
N TYR A 112 6.83 -12.74 3.61
CA TYR A 112 7.87 -11.72 3.48
C TYR A 112 8.78 -11.70 4.70
N TYR A 113 8.24 -12.04 5.87
CA TYR A 113 9.07 -12.18 7.05
C TYR A 113 9.94 -13.43 6.98
N LEU A 114 9.39 -14.52 6.40
CA LEU A 114 10.15 -15.76 6.32
C LEU A 114 11.32 -15.64 5.37
N ILE A 115 11.12 -15.03 4.20
CA ILE A 115 12.21 -14.87 3.24
C ILE A 115 13.23 -13.86 3.73
N SER A 116 12.85 -12.97 4.63
CA SER A 116 13.78 -12.02 5.25
C SER A 116 14.47 -12.59 6.47
N SER A 117 14.13 -13.81 6.88
CA SER A 117 14.71 -14.43 8.06
C SER A 117 15.91 -15.31 7.74
N PHE A 118 16.33 -15.37 6.48
CA PHE A 118 17.47 -16.20 6.08
C PHE A 118 18.81 -15.52 6.28
N THR A 119 18.82 -14.26 6.70
CA THR A 119 20.07 -13.54 6.97
C THR A 119 20.61 -13.93 8.34
N ASP A 120 21.94 -13.93 8.45
CA ASP A 120 22.57 -14.23 9.74
C ASP A 120 22.19 -13.21 10.80
N GLN A 121 22.02 -11.95 10.40
CA GLN A 121 21.55 -10.90 11.28
C GLN A 121 20.15 -10.49 10.84
N LEU A 122 19.17 -10.64 11.72
CA LEU A 122 17.79 -10.38 11.36
C LEU A 122 17.56 -8.88 11.19
N PRO A 123 16.71 -8.48 10.25
CA PRO A 123 16.59 -7.05 9.93
C PRO A 123 16.01 -6.20 11.05
N TRP A 124 15.09 -6.75 11.85
CA TRP A 124 14.43 -5.97 12.89
C TRP A 124 15.21 -5.91 14.19
N THR A 125 16.42 -6.49 14.22
CA THR A 125 17.27 -6.37 15.41
C THR A 125 17.92 -4.98 15.46
N SER A 126 18.80 -4.69 14.50
CA SER A 126 19.52 -3.43 14.48
C SER A 126 18.62 -2.29 14.00
N CYS A 127 18.99 -1.07 14.40
CA CYS A 127 18.27 0.13 14.02
C CYS A 127 18.86 0.82 12.79
N LYS A 128 19.96 0.30 12.23
CA LYS A 128 20.55 0.90 11.04
C LYS A 128 19.98 0.19 9.82
N ASN A 129 19.10 0.89 9.10
CA ASN A 129 18.42 0.34 7.93
C ASN A 129 17.94 1.50 7.08
N SER A 130 17.57 1.20 5.84
CA SER A 130 17.04 2.24 4.96
C SER A 130 15.67 2.74 5.43
N TRP A 131 14.88 1.88 6.07
CA TRP A 131 13.51 2.22 6.47
C TRP A 131 13.41 2.80 7.88
N ASN A 132 14.47 2.75 8.67
CA ASN A 132 14.39 3.21 10.05
C ASN A 132 14.47 4.73 10.13
N THR A 133 13.88 5.28 11.19
CA THR A 133 13.88 6.70 11.46
C THR A 133 14.88 7.03 12.57
N GLY A 134 14.96 8.32 12.91
CA GLY A 134 15.78 8.73 14.03
C GLY A 134 15.23 8.33 15.38
N ASN A 135 13.92 8.05 15.45
CA ASN A 135 13.31 7.57 16.68
C ASN A 135 13.71 6.13 17.01
N CYS A 136 14.30 5.40 16.09
CA CYS A 136 14.63 4.00 16.32
C CYS A 136 15.63 3.88 17.46
N THR A 137 15.28 3.10 18.47
CA THR A 137 16.18 2.79 19.59
C THR A 137 16.07 1.31 19.89
N ASN A 138 17.19 0.60 19.82
CA ASN A 138 17.24 -0.83 20.02
C ASN A 138 18.03 -1.15 21.28
N TYR A 139 18.20 -2.45 21.54
CA TYR A 139 19.01 -2.92 22.64
C TYR A 139 20.38 -3.35 22.13
N PHE A 140 21.20 -3.85 23.05
CA PHE A 140 22.66 -3.93 22.86
C PHE A 140 23.23 -2.54 22.57
N SER A 141 22.57 -1.53 23.09
CA SER A 141 22.92 -0.12 22.95
C SER A 141 23.23 0.45 24.33
N GLU A 142 23.42 1.78 24.39
CA GLU A 142 23.67 2.45 25.64
C GLU A 142 22.58 2.12 26.66
N ASP A 143 22.98 2.00 27.93
CA ASP A 143 22.04 1.72 29.00
C ASP A 143 21.35 3.03 29.40
N ASN A 144 20.54 2.98 30.46
CA ASN A 144 19.85 4.13 31.06
C ASN A 144 18.77 4.71 30.15
N ILE A 145 18.61 4.19 28.92
CA ILE A 145 17.68 4.77 27.95
C ILE A 145 16.29 4.85 28.52
N THR A 146 15.58 5.93 28.18
CA THR A 146 14.21 6.15 28.59
C THR A 146 13.36 6.36 27.35
N TRP A 147 12.22 5.68 27.28
CA TRP A 147 11.38 5.73 26.11
C TRP A 147 10.64 7.05 26.03
N THR A 148 10.38 7.50 24.80
CA THR A 148 9.72 8.76 24.52
C THR A 148 8.43 8.51 23.76
N LEU A 149 7.53 9.48 23.82
CA LEU A 149 6.24 9.35 23.15
C LEU A 149 6.41 9.09 21.66
N HIS A 150 7.42 9.70 21.05
CA HIS A 150 7.66 9.53 19.62
C HIS A 150 8.62 8.40 19.29
N SER A 151 9.23 7.77 20.29
CA SER A 151 10.20 6.72 20.03
C SER A 151 9.53 5.44 19.57
N THR A 152 10.24 4.67 18.74
CA THR A 152 9.75 3.42 18.20
C THR A 152 10.87 2.39 18.22
N SER A 153 10.50 1.12 18.32
CA SER A 153 11.43 0.01 18.38
C SER A 153 11.79 -0.47 16.97
N PRO A 154 12.95 -1.10 16.80
CA PRO A 154 13.35 -1.53 15.45
C PRO A 154 12.43 -2.58 14.85
N ALA A 155 11.77 -3.40 15.68
CA ALA A 155 10.77 -4.32 15.16
C ALA A 155 9.51 -3.59 14.72
N GLU A 156 9.06 -2.63 15.54
CA GLU A 156 7.93 -1.78 15.15
C GLU A 156 8.26 -0.99 13.89
N GLU A 157 9.50 -0.51 13.77
CA GLU A 157 9.90 0.18 12.55
C GLU A 157 9.94 -0.76 11.35
N PHE A 158 10.36 -2.01 11.59
CA PHE A 158 10.48 -2.96 10.48
C PHE A 158 9.10 -3.34 9.94
N TYR A 159 8.17 -3.66 10.84
CA TYR A 159 6.81 -3.97 10.41
C TYR A 159 6.13 -2.74 9.81
N THR A 160 6.17 -1.63 10.52
CA THR A 160 5.50 -0.41 10.08
C THR A 160 6.02 0.05 8.72
N ARG A 161 7.28 0.45 8.66
CA ARG A 161 7.80 1.23 7.55
C ARG A 161 8.39 0.42 6.40
N HIS A 162 8.55 -0.89 6.55
CA HIS A 162 9.19 -1.71 5.53
C HIS A 162 8.20 -2.66 4.86
N VAL A 163 7.79 -3.73 5.54
CA VAL A 163 6.92 -4.72 4.91
C VAL A 163 5.53 -4.14 4.68
N LEU A 164 4.91 -3.61 5.72
CA LEU A 164 3.58 -3.02 5.54
C LEU A 164 3.67 -1.67 4.85
N GLN A 165 4.71 -0.89 5.14
CA GLN A 165 4.91 0.42 4.54
C GLN A 165 3.69 1.33 4.75
N ILE A 166 3.07 1.19 5.93
CA ILE A 166 1.85 1.91 6.22
C ILE A 166 2.06 3.40 6.44
N HIS A 167 3.32 3.83 6.61
CA HIS A 167 3.62 5.25 6.74
C HIS A 167 3.42 6.01 5.43
N ARG A 168 3.22 5.31 4.32
CA ARG A 168 3.06 5.93 3.02
C ARG A 168 1.61 6.24 2.69
N SER A 169 0.68 5.92 3.57
CA SER A 169 -0.73 6.19 3.37
C SER A 169 -1.29 6.98 4.54
N LYS A 170 -2.23 7.88 4.26
CA LYS A 170 -2.83 8.71 5.28
C LYS A 170 -4.06 8.08 5.93
N GLY A 171 -4.56 6.99 5.39
CA GLY A 171 -5.73 6.34 5.94
C GLY A 171 -6.53 5.67 4.84
N LEU A 172 -7.80 5.38 5.15
CA LEU A 172 -8.69 4.81 4.16
C LEU A 172 -8.88 5.73 2.97
N GLN A 173 -8.75 7.05 3.19
CA GLN A 173 -8.97 8.01 2.11
C GLN A 173 -7.95 7.82 0.98
N ASP A 174 -6.67 7.97 1.29
CA ASP A 174 -5.61 7.69 0.33
C ASP A 174 -4.77 6.54 0.88
N LEU A 175 -4.98 5.33 0.33
CA LEU A 175 -4.16 4.17 0.62
C LEU A 175 -3.17 3.81 -0.47
N GLY A 176 -3.20 4.51 -1.61
CA GLY A 176 -2.41 4.10 -2.77
C GLY A 176 -0.94 4.48 -2.68
N GLY A 177 -0.10 3.78 -3.44
CA GLY A 177 -0.52 2.68 -4.29
C GLY A 177 -0.24 1.29 -3.73
N ILE A 178 0.02 0.33 -4.62
CA ILE A 178 0.19 -1.07 -4.26
C ILE A 178 1.68 -1.37 -4.08
N SER A 179 2.00 -2.24 -3.12
CA SER A 179 3.35 -2.74 -2.92
C SER A 179 3.54 -4.02 -3.72
N TRP A 180 4.62 -4.07 -4.51
CA TRP A 180 4.84 -5.22 -5.39
C TRP A 180 5.40 -6.43 -4.66
N GLN A 181 6.17 -6.22 -3.58
CA GLN A 181 6.76 -7.34 -2.86
C GLN A 181 5.68 -8.25 -2.29
N LEU A 182 4.75 -7.68 -1.52
CA LEU A 182 3.65 -8.46 -0.97
C LEU A 182 2.75 -9.02 -2.07
N ALA A 183 2.71 -8.37 -3.23
CA ALA A 183 2.01 -8.95 -4.37
C ALA A 183 2.68 -10.22 -4.85
N LEU A 184 4.02 -10.24 -4.85
CA LEU A 184 4.74 -11.45 -5.22
C LEU A 184 4.56 -12.54 -4.16
N CYS A 185 4.60 -12.16 -2.89
CA CYS A 185 4.38 -13.13 -1.82
C CYS A 185 3.00 -13.76 -1.92
N ILE A 186 1.97 -12.93 -2.05
CA ILE A 186 0.61 -13.44 -2.17
C ILE A 186 0.40 -14.18 -3.48
N MET A 187 1.22 -13.91 -4.50
CA MET A 187 1.18 -14.72 -5.71
C MET A 187 1.75 -16.11 -5.45
N LEU A 188 2.84 -16.19 -4.68
CA LEU A 188 3.39 -17.49 -4.32
C LEU A 188 2.41 -18.27 -3.47
N ILE A 189 1.66 -17.58 -2.60
CA ILE A 189 0.70 -18.27 -1.75
C ILE A 189 -0.50 -18.72 -2.57
N PHE A 190 -1.01 -17.86 -3.45
CA PHE A 190 -2.07 -18.27 -4.35
C PHE A 190 -1.63 -19.39 -5.29
N THR A 191 -0.31 -19.54 -5.48
CA THR A 191 0.20 -20.68 -6.24
C THR A 191 0.25 -21.94 -5.39
N VAL A 192 0.63 -21.82 -4.11
CA VAL A 192 0.74 -23.00 -3.27
C VAL A 192 -0.64 -23.52 -2.86
N ILE A 193 -1.65 -22.64 -2.80
CA ILE A 193 -3.01 -23.11 -2.57
C ILE A 193 -3.63 -23.67 -3.84
N TYR A 194 -3.13 -23.27 -5.01
CA TYR A 194 -3.67 -23.78 -6.27
C TYR A 194 -3.36 -25.26 -6.44
N PHE A 195 -2.10 -25.65 -6.22
CA PHE A 195 -1.70 -27.03 -6.40
C PHE A 195 -2.19 -27.94 -5.28
N SER A 196 -2.71 -27.38 -4.19
CA SER A 196 -3.29 -28.16 -3.11
C SER A 196 -4.80 -28.30 -3.25
N ILE A 197 -5.38 -27.79 -4.32
CA ILE A 197 -6.84 -27.74 -4.51
C ILE A 197 -7.19 -28.36 -5.86
N TRP A 198 -6.60 -27.81 -6.93
CA TRP A 198 -6.99 -28.06 -8.32
C TRP A 198 -7.29 -29.53 -8.62
N LYS A 199 -6.55 -30.45 -8.01
CA LYS A 199 -6.80 -31.87 -8.19
C LYS A 199 -7.97 -32.38 -7.36
N GLY A 200 -8.62 -31.51 -6.61
CA GLY A 200 -9.79 -31.88 -5.84
C GLY A 200 -9.44 -32.24 -4.40
N VAL A 201 -10.32 -33.05 -3.80
CA VAL A 201 -10.13 -33.49 -2.43
C VAL A 201 -8.99 -34.49 -2.28
N LYS A 202 -8.42 -34.96 -3.39
CA LYS A 202 -7.30 -35.89 -3.32
C LYS A 202 -6.05 -35.19 -2.77
N THR A 203 -5.69 -34.04 -3.35
CA THR A 203 -4.52 -33.31 -2.87
C THR A 203 -4.83 -32.51 -1.61
N SER A 204 -6.04 -31.98 -1.47
CA SER A 204 -6.38 -31.19 -0.29
C SER A 204 -6.35 -32.02 0.98
N GLY A 205 -6.43 -33.34 0.87
CA GLY A 205 -6.25 -34.20 2.02
C GLY A 205 -4.81 -34.62 2.21
N LYS A 206 -4.04 -34.62 1.12
CA LYS A 206 -2.62 -34.97 1.22
C LYS A 206 -1.78 -33.78 1.68
N VAL A 207 -2.06 -32.59 1.14
CA VAL A 207 -1.29 -31.41 1.54
C VAL A 207 -1.60 -31.03 2.98
N VAL A 208 -2.79 -31.36 3.47
CA VAL A 208 -3.17 -31.06 4.85
C VAL A 208 -2.25 -31.79 5.83
N TRP A 209 -1.71 -32.94 5.44
CA TRP A 209 -0.79 -33.68 6.29
C TRP A 209 0.33 -32.81 6.82
N VAL A 210 0.94 -32.01 5.93
CA VAL A 210 2.05 -31.16 6.35
C VAL A 210 1.55 -29.89 7.04
N THR A 211 0.47 -29.28 6.51
CA THR A 211 0.04 -27.99 7.01
C THR A 211 -0.62 -28.09 8.39
N ALA A 212 -1.27 -29.22 8.69
CA ALA A 212 -1.93 -29.37 9.98
C ALA A 212 -0.94 -29.78 11.08
N THR A 213 0.01 -30.67 10.76
CA THR A 213 0.87 -31.23 11.79
C THR A 213 2.00 -30.29 12.20
N PHE A 214 2.53 -29.51 11.26
CA PHE A 214 3.67 -28.66 11.57
C PHE A 214 3.42 -27.64 12.67
N PRO A 215 2.28 -26.93 12.71
CA PRO A 215 2.10 -25.93 13.79
C PRO A 215 2.17 -26.51 15.19
N TYR A 216 1.81 -27.78 15.37
CA TYR A 216 1.91 -28.38 16.70
C TYR A 216 3.36 -28.64 17.09
N ILE A 217 4.18 -29.07 16.13
CA ILE A 217 5.61 -29.25 16.40
C ILE A 217 6.25 -27.91 16.71
N ALA A 218 5.95 -26.89 15.90
CA ALA A 218 6.48 -25.56 16.14
C ALA A 218 6.03 -25.01 17.49
N LEU A 219 4.78 -25.26 17.86
CA LEU A 219 4.28 -24.81 19.15
C LEU A 219 4.95 -25.57 20.29
N SER A 220 5.36 -26.83 20.07
CA SER A 220 6.09 -27.56 21.09
C SER A 220 7.49 -27.00 21.26
N VAL A 221 8.18 -26.71 20.15
CA VAL A 221 9.52 -26.14 20.23
C VAL A 221 9.48 -24.78 20.91
N LEU A 222 8.52 -23.93 20.51
CA LEU A 222 8.37 -22.62 21.12
C LEU A 222 7.88 -22.71 22.56
N LEU A 223 7.22 -23.80 22.93
CA LEU A 223 6.79 -23.98 24.32
C LEU A 223 7.96 -24.35 25.21
N VAL A 224 8.79 -25.31 24.77
CA VAL A 224 9.98 -25.65 25.53
C VAL A 224 10.95 -24.48 25.57
N ARG A 225 10.98 -23.68 24.50
CA ARG A 225 11.84 -22.50 24.48
C ARG A 225 11.34 -21.42 25.44
N GLY A 226 10.03 -21.16 25.41
CA GLY A 226 9.48 -20.13 26.27
C GLY A 226 9.45 -20.51 27.73
N ALA A 227 9.37 -21.81 28.03
CA ALA A 227 9.36 -22.25 29.42
C ALA A 227 10.73 -22.07 30.08
N THR A 228 11.80 -22.16 29.30
CA THR A 228 13.15 -21.97 29.82
C THR A 228 13.54 -20.51 29.96
N LEU A 229 12.74 -19.58 29.43
CA LEU A 229 13.08 -18.18 29.53
C LEU A 229 12.83 -17.67 30.95
N PRO A 230 13.72 -16.82 31.48
CA PRO A 230 13.53 -16.30 32.83
C PRO A 230 12.37 -15.32 32.89
N GLY A 231 11.70 -15.30 34.04
CA GLY A 231 10.54 -14.44 34.22
C GLY A 231 9.34 -14.79 33.38
N ALA A 232 9.30 -16.00 32.81
CA ALA A 232 8.15 -16.39 31.99
C ALA A 232 6.90 -16.63 32.83
N TRP A 233 7.04 -16.75 34.14
CA TRP A 233 5.89 -16.99 35.01
C TRP A 233 4.97 -15.77 35.11
N ARG A 234 5.42 -14.60 34.68
CA ARG A 234 4.57 -13.41 34.75
C ARG A 234 3.47 -13.46 33.70
N GLY A 235 3.79 -13.88 32.48
CA GLY A 235 2.78 -14.02 31.46
C GLY A 235 1.83 -15.18 31.73
N VAL A 236 2.32 -16.23 32.38
CA VAL A 236 1.46 -17.34 32.75
C VAL A 236 0.54 -16.95 33.90
N LEU A 237 1.07 -16.16 34.84
CA LEU A 237 0.23 -15.65 35.93
C LEU A 237 -0.85 -14.73 35.39
N PHE A 238 -0.45 -13.71 34.61
CA PHE A 238 -1.42 -12.82 33.99
C PHE A 238 -2.37 -13.57 33.07
N TYR A 239 -1.96 -14.72 32.56
CA TYR A 239 -2.79 -15.52 31.67
C TYR A 239 -3.86 -16.29 32.45
N LEU A 240 -3.46 -16.94 33.54
CA LEU A 240 -4.36 -17.80 34.30
C LEU A 240 -4.95 -17.13 35.54
N LYS A 241 -4.59 -15.87 35.84
CA LYS A 241 -5.05 -15.24 37.06
C LYS A 241 -6.56 -15.08 37.04
N PRO A 242 -7.29 -15.77 37.93
CA PRO A 242 -8.75 -15.70 37.90
C PRO A 242 -9.25 -14.32 38.31
N ASN A 243 -10.15 -13.76 37.49
CA ASN A 243 -10.95 -12.61 37.88
C ASN A 243 -12.41 -13.04 37.75
N TRP A 244 -13.09 -13.19 38.88
CA TRP A 244 -14.46 -13.65 38.87
C TRP A 244 -15.47 -12.52 38.76
N GLN A 245 -15.04 -11.26 38.90
CA GLN A 245 -15.92 -10.13 38.71
C GLN A 245 -16.22 -9.86 37.23
N LYS A 246 -15.47 -10.48 36.32
CA LYS A 246 -15.71 -10.30 34.90
C LYS A 246 -16.94 -11.08 34.42
N LEU A 247 -17.23 -12.22 35.05
CA LEU A 247 -18.38 -13.02 34.64
C LEU A 247 -19.70 -12.30 34.90
N LEU A 248 -19.69 -11.28 35.77
CA LEU A 248 -20.90 -10.50 36.01
C LEU A 248 -21.21 -9.55 34.85
N GLU A 249 -20.21 -9.20 34.05
CA GLU A 249 -20.42 -8.33 32.91
C GLU A 249 -21.03 -9.13 31.76
N THR A 250 -22.10 -8.59 31.16
CA THR A 250 -22.77 -9.28 30.06
C THR A 250 -21.94 -9.33 28.79
N GLY A 251 -20.84 -8.59 28.72
CA GLY A 251 -20.03 -8.55 27.51
C GLY A 251 -19.15 -9.74 27.29
N VAL A 252 -18.53 -10.25 28.37
CA VAL A 252 -17.55 -11.33 28.21
C VAL A 252 -18.20 -12.61 27.70
N TRP A 253 -19.47 -12.85 28.05
CA TRP A 253 -20.17 -14.02 27.53
C TRP A 253 -20.38 -13.90 26.03
N ILE A 254 -20.72 -12.70 25.55
CA ILE A 254 -20.86 -12.48 24.12
C ILE A 254 -19.51 -12.64 23.43
N ASP A 255 -18.44 -12.15 24.06
CA ASP A 255 -17.10 -12.31 23.49
C ASP A 255 -16.74 -13.78 23.36
N ALA A 256 -17.02 -14.58 24.40
CA ALA A 256 -16.75 -16.01 24.32
C ALA A 256 -17.61 -16.69 23.26
N ALA A 257 -18.87 -16.27 23.15
CA ALA A 257 -19.75 -16.88 22.15
C ALA A 257 -19.25 -16.63 20.73
N ALA A 258 -18.96 -15.36 20.42
CA ALA A 258 -18.42 -15.04 19.10
C ALA A 258 -17.09 -15.73 18.87
N GLN A 259 -16.25 -15.81 19.92
CA GLN A 259 -14.94 -16.42 19.77
C GLN A 259 -15.05 -17.91 19.43
N ILE A 260 -15.94 -18.63 20.11
CA ILE A 260 -16.06 -20.06 19.83
C ILE A 260 -16.76 -20.30 18.49
N PHE A 261 -17.73 -19.44 18.16
CA PHE A 261 -18.42 -19.58 16.87
C PHE A 261 -17.44 -19.41 15.72
N PHE A 262 -16.70 -18.29 15.70
CA PHE A 262 -15.74 -18.07 14.63
C PHE A 262 -14.59 -19.08 14.70
N SER A 263 -14.22 -19.54 15.89
CA SER A 263 -13.14 -20.51 16.00
C SER A 263 -13.51 -21.84 15.36
N LEU A 264 -14.75 -22.29 15.57
CA LEU A 264 -15.18 -23.52 14.93
C LEU A 264 -15.56 -23.30 13.46
N GLY A 265 -16.07 -22.12 13.13
CA GLY A 265 -16.43 -21.79 11.78
C GLY A 265 -17.47 -22.67 11.13
N PRO A 266 -18.65 -22.81 11.75
CA PRO A 266 -19.74 -23.55 11.09
C PRO A 266 -20.60 -22.62 10.24
N GLY A 267 -21.60 -23.17 9.57
CA GLY A 267 -22.52 -22.39 8.78
C GLY A 267 -21.95 -21.74 7.54
N PHE A 268 -20.69 -21.99 7.22
CA PHE A 268 -20.06 -21.46 6.02
C PHE A 268 -20.10 -22.44 4.86
N GLY A 269 -20.58 -23.66 5.08
CA GLY A 269 -20.60 -24.67 4.05
C GLY A 269 -19.28 -25.37 3.80
N VAL A 270 -18.22 -24.97 4.49
CA VAL A 270 -16.94 -25.66 4.35
C VAL A 270 -17.02 -27.05 4.97
N LEU A 271 -17.51 -27.13 6.21
CA LEU A 271 -17.76 -28.43 6.83
C LEU A 271 -18.76 -29.24 6.02
N LEU A 272 -19.70 -28.55 5.36
CA LEU A 272 -20.65 -29.23 4.48
C LEU A 272 -19.93 -29.91 3.32
N ALA A 273 -18.96 -29.22 2.71
CA ALA A 273 -18.25 -29.77 1.57
C ALA A 273 -17.28 -30.87 2.01
N PHE A 274 -16.59 -30.67 3.13
CA PHE A 274 -15.69 -31.70 3.63
C PHE A 274 -16.45 -32.96 4.02
N ALA A 275 -17.65 -32.80 4.60
CA ALA A 275 -18.46 -33.96 4.91
C ALA A 275 -19.11 -34.55 3.67
N SER A 276 -19.27 -33.76 2.60
CA SER A 276 -19.89 -34.26 1.37
C SER A 276 -19.13 -35.46 0.82
N TYR A 277 -17.81 -35.48 0.94
CA TYR A 277 -17.00 -36.62 0.54
C TYR A 277 -16.63 -37.39 1.80
N ASN A 278 -17.25 -38.56 1.99
CA ASN A 278 -17.04 -39.40 3.15
C ASN A 278 -17.98 -40.60 3.02
N LYS A 279 -17.81 -41.56 3.92
CA LYS A 279 -18.68 -42.73 3.94
C LYS A 279 -20.05 -42.35 4.51
N PHE A 280 -21.09 -43.04 4.02
CA PHE A 280 -22.44 -42.75 4.48
C PHE A 280 -22.70 -43.30 5.88
N ASN A 281 -22.17 -44.49 6.17
CA ASN A 281 -22.29 -45.07 7.51
C ASN A 281 -21.23 -44.54 8.47
N ASN A 282 -20.36 -43.65 8.01
CA ASN A 282 -19.31 -43.10 8.87
C ASN A 282 -19.92 -42.28 10.00
N ASN A 283 -19.20 -42.24 11.13
CA ASN A 283 -19.71 -41.61 12.33
C ASN A 283 -19.43 -40.11 12.31
N CYS A 284 -20.49 -39.30 12.41
CA CYS A 284 -20.33 -37.85 12.49
C CYS A 284 -20.01 -37.40 13.91
N TYR A 285 -20.59 -38.07 14.91
CA TYR A 285 -20.50 -37.62 16.30
C TYR A 285 -19.06 -37.56 16.79
N GLN A 286 -18.37 -38.71 16.74
CA GLN A 286 -16.99 -38.77 17.22
C GLN A 286 -16.09 -37.82 16.46
N ASP A 287 -16.29 -37.71 15.14
CA ASP A 287 -15.51 -36.79 14.32
C ASP A 287 -15.63 -35.35 14.82
N ALA A 288 -16.84 -34.79 14.74
CA ALA A 288 -17.05 -33.41 15.17
C ALA A 288 -16.55 -33.18 16.59
N LEU A 289 -16.85 -34.10 17.50
CA LEU A 289 -16.37 -33.99 18.88
C LEU A 289 -14.85 -33.84 18.91
N VAL A 290 -14.14 -34.87 18.42
CA VAL A 290 -12.68 -34.88 18.49
C VAL A 290 -12.09 -33.64 17.84
N THR A 291 -12.59 -33.26 16.67
CA THR A 291 -12.03 -32.11 15.96
C THR A 291 -12.22 -30.83 16.77
N SER A 292 -13.43 -30.60 17.29
CA SER A 292 -13.68 -29.40 18.08
C SER A 292 -12.78 -29.36 19.31
N VAL A 293 -12.68 -30.47 20.03
CA VAL A 293 -11.84 -30.52 21.22
C VAL A 293 -10.38 -30.24 20.87
N VAL A 294 -9.91 -30.81 19.76
CA VAL A 294 -8.52 -30.59 19.33
C VAL A 294 -8.29 -29.11 19.02
N ASN A 295 -9.28 -28.46 18.38
CA ASN A 295 -9.15 -27.04 18.11
C ASN A 295 -9.04 -26.23 19.41
N CYS A 296 -9.97 -26.46 20.34
CA CYS A 296 -10.01 -25.67 21.56
C CYS A 296 -8.73 -25.88 22.40
N MET A 297 -8.31 -27.14 22.56
CA MET A 297 -7.09 -27.40 23.29
C MET A 297 -5.88 -26.83 22.58
N THR A 298 -5.89 -26.81 21.24
CA THR A 298 -4.82 -26.17 20.49
C THR A 298 -4.73 -24.69 20.85
N SER A 299 -5.87 -24.00 20.92
CA SER A 299 -5.86 -22.63 21.40
C SER A 299 -5.33 -22.55 22.83
N PHE A 300 -5.67 -23.55 23.66
CA PHE A 300 -5.27 -23.51 25.07
C PHE A 300 -3.75 -23.57 25.21
N VAL A 301 -3.09 -24.48 24.49
CA VAL A 301 -1.64 -24.55 24.56
C VAL A 301 -1.00 -23.37 23.84
N SER A 302 -1.64 -22.87 22.79
CA SER A 302 -1.16 -21.65 22.16
C SER A 302 -1.11 -20.50 23.15
N GLY A 303 -2.04 -20.47 24.11
CA GLY A 303 -1.97 -19.46 25.16
C GLY A 303 -0.67 -19.50 25.93
N PHE A 304 -0.23 -20.70 26.30
CA PHE A 304 1.05 -20.82 26.99
C PHE A 304 2.21 -20.45 26.08
N VAL A 305 2.16 -20.86 24.82
CA VAL A 305 3.23 -20.53 23.88
C VAL A 305 3.40 -19.02 23.76
N ILE A 306 2.29 -18.29 23.76
CA ILE A 306 2.37 -16.84 23.63
C ILE A 306 2.79 -16.19 24.95
N PHE A 307 2.18 -16.61 26.06
CA PHE A 307 2.35 -15.89 27.31
C PHE A 307 3.64 -16.24 28.05
N THR A 308 4.30 -17.34 27.71
CA THR A 308 5.65 -17.56 28.24
C THR A 308 6.62 -16.55 27.64
N VAL A 309 6.52 -16.31 26.33
CA VAL A 309 7.40 -15.37 25.66
C VAL A 309 7.03 -13.93 26.03
N LEU A 310 5.74 -13.64 26.18
CA LEU A 310 5.34 -12.31 26.62
C LEU A 310 5.66 -12.08 28.09
N GLY A 311 5.70 -13.15 28.88
CA GLY A 311 6.16 -13.01 30.25
C GLY A 311 7.66 -12.77 30.33
N TYR A 312 8.42 -13.43 29.47
CA TYR A 312 9.85 -13.14 29.36
C TYR A 312 10.08 -11.71 28.88
N MET A 313 9.21 -11.23 27.98
CA MET A 313 9.33 -9.85 27.49
C MET A 313 8.99 -8.85 28.59
N ALA A 314 7.98 -9.16 29.40
CA ALA A 314 7.65 -8.31 30.54
C ALA A 314 8.70 -8.42 31.65
N GLU A 315 9.50 -9.48 31.64
CA GLU A 315 10.62 -9.57 32.58
C GLU A 315 11.81 -8.76 32.11
N MET A 316 12.07 -8.77 30.79
CA MET A 316 13.14 -7.94 30.25
C MET A 316 12.80 -6.46 30.36
N ARG A 317 11.57 -6.10 30.03
CA ARG A 317 11.01 -4.80 30.39
C ARG A 317 10.53 -4.90 31.84
N ASN A 318 9.76 -3.95 32.33
CA ASN A 318 9.27 -4.02 33.71
C ASN A 318 7.81 -4.46 33.69
N GLU A 319 7.60 -5.75 33.99
CA GLU A 319 6.34 -6.36 34.37
C GLU A 319 5.14 -5.89 33.57
N ASP A 320 4.01 -5.71 34.27
CA ASP A 320 2.75 -5.22 33.73
C ASP A 320 2.47 -5.84 32.37
N VAL A 321 2.21 -7.15 32.34
CA VAL A 321 2.12 -7.89 31.08
C VAL A 321 1.05 -7.29 30.18
N SER A 322 0.06 -6.59 30.74
CA SER A 322 -0.93 -5.92 29.92
C SER A 322 -0.33 -4.80 29.08
N GLU A 323 0.80 -4.24 29.52
CA GLU A 323 1.41 -3.13 28.79
C GLU A 323 2.07 -3.63 27.51
N VAL A 324 2.86 -4.70 27.61
CA VAL A 324 3.46 -5.28 26.41
C VAL A 324 2.42 -5.98 25.55
N ALA A 325 1.32 -6.43 26.14
CA ALA A 325 0.23 -7.06 25.41
C ALA A 325 -0.86 -6.07 25.03
N LYS A 326 -0.65 -4.77 25.25
CA LYS A 326 -1.67 -3.76 24.96
C LYS A 326 -2.23 -3.91 23.55
N ASP A 327 -1.36 -4.02 22.56
CA ASP A 327 -1.80 -4.13 21.18
C ASP A 327 -2.35 -5.54 20.92
N ALA A 328 -3.59 -5.61 20.45
CA ALA A 328 -4.25 -6.88 20.14
C ALA A 328 -4.40 -6.98 18.63
N GLY A 329 -3.66 -7.90 18.03
CA GLY A 329 -3.69 -8.08 16.60
C GLY A 329 -2.42 -8.71 16.08
N PRO A 330 -2.16 -8.55 14.78
CA PRO A 330 -0.91 -9.10 14.21
C PRO A 330 0.34 -8.48 14.82
N SER A 331 0.25 -7.24 15.31
CA SER A 331 1.41 -6.60 15.93
C SER A 331 1.90 -7.36 17.15
N LEU A 332 1.05 -8.17 17.78
CA LEU A 332 1.51 -9.01 18.87
C LEU A 332 2.47 -10.09 18.35
N LEU A 333 2.15 -10.69 17.21
CA LEU A 333 3.03 -11.69 16.62
C LEU A 333 4.16 -11.04 15.81
N PHE A 334 3.85 -10.02 15.02
CA PHE A 334 4.83 -9.47 14.09
C PHE A 334 5.80 -8.49 14.72
N ILE A 335 5.46 -7.91 15.86
CA ILE A 335 6.35 -6.93 16.49
C ILE A 335 6.81 -7.44 17.85
N THR A 336 5.87 -7.55 18.79
CA THR A 336 6.20 -7.99 20.14
C THR A 336 6.91 -9.34 20.13
N TYR A 337 6.22 -10.37 19.65
CA TYR A 337 6.79 -11.72 19.65
C TYR A 337 8.07 -11.78 18.82
N ALA A 338 8.08 -11.11 17.67
CA ALA A 338 9.26 -11.13 16.81
C ALA A 338 10.45 -10.46 17.48
N GLU A 339 10.23 -9.29 18.08
CA GLU A 339 11.30 -8.62 18.83
C GLU A 339 11.77 -9.48 20.00
N ALA A 340 10.87 -10.28 20.57
CA ALA A 340 11.29 -11.21 21.61
C ALA A 340 12.08 -12.37 21.03
N ILE A 341 11.88 -12.69 19.75
CA ILE A 341 12.65 -13.75 19.12
C ILE A 341 14.05 -13.27 18.76
N ALA A 342 14.16 -12.01 18.31
CA ALA A 342 15.46 -11.49 17.89
C ALA A 342 16.46 -11.41 19.03
N ASN A 343 16.00 -11.45 20.28
CA ASN A 343 16.88 -11.36 21.44
C ASN A 343 17.28 -12.71 21.99
N MET A 344 16.92 -13.81 21.32
CA MET A 344 17.21 -15.13 21.83
C MET A 344 18.23 -15.84 20.95
N PRO A 345 19.00 -16.78 21.51
CA PRO A 345 19.99 -17.51 20.70
C PRO A 345 19.30 -18.34 19.62
N ALA A 346 20.03 -18.58 18.53
CA ALA A 346 19.50 -19.24 17.34
C ALA A 346 18.23 -18.53 16.87
N SER A 347 18.31 -17.20 16.81
CA SER A 347 17.14 -16.39 16.46
C SER A 347 16.66 -16.66 15.04
N THR A 348 17.58 -16.97 14.13
CA THR A 348 17.19 -17.32 12.77
C THR A 348 16.29 -18.56 12.77
N PHE A 349 16.67 -19.57 13.56
CA PHE A 349 15.88 -20.80 13.65
C PHE A 349 14.48 -20.52 14.16
N PHE A 350 14.38 -19.92 15.35
CA PHE A 350 13.08 -19.68 15.97
C PHE A 350 12.24 -18.68 15.19
N ALA A 351 12.85 -17.82 14.37
CA ALA A 351 12.07 -16.95 13.51
C ALA A 351 11.54 -17.71 12.30
N ILE A 352 12.39 -18.52 11.67
CA ILE A 352 11.97 -19.28 10.49
C ILE A 352 10.82 -20.21 10.84
N ILE A 353 10.97 -20.97 11.94
CA ILE A 353 9.92 -21.92 12.30
C ILE A 353 8.66 -21.18 12.74
N PHE A 354 8.79 -19.96 13.25
CA PHE A 354 7.62 -19.19 13.67
C PHE A 354 6.82 -18.71 12.47
N PHE A 355 7.47 -18.04 11.53
CA PHE A 355 6.74 -17.53 10.37
C PHE A 355 6.23 -18.68 9.50
N LEU A 356 7.06 -19.71 9.32
CA LEU A 356 6.58 -20.91 8.63
C LEU A 356 5.37 -21.50 9.34
N MET A 357 5.38 -21.47 10.68
CA MET A 357 4.21 -21.94 11.43
C MET A 357 2.98 -21.11 11.11
N LEU A 358 3.14 -19.78 11.02
CA LEU A 358 2.01 -18.93 10.67
C LEU A 358 1.45 -19.29 9.30
N ILE A 359 2.34 -19.39 8.30
CA ILE A 359 1.90 -19.71 6.94
C ILE A 359 1.15 -21.04 6.93
N THR A 360 1.70 -22.06 7.60
CA THR A 360 1.02 -23.35 7.66
C THR A 360 -0.29 -23.25 8.42
N LEU A 361 -0.41 -22.30 9.35
CA LEU A 361 -1.65 -22.15 10.10
C LEU A 361 -2.75 -21.57 9.22
N GLY A 362 -2.41 -20.64 8.33
CA GLY A 362 -3.42 -20.07 7.45
C GLY A 362 -3.71 -20.89 6.21
N LEU A 363 -2.72 -21.66 5.75
CA LEU A 363 -2.82 -22.29 4.43
C LEU A 363 -3.94 -23.33 4.38
N ASP A 364 -4.03 -24.20 5.40
CA ASP A 364 -5.06 -25.24 5.38
C ASP A 364 -6.45 -24.62 5.48
N SER A 365 -6.62 -23.64 6.37
CA SER A 365 -7.90 -22.95 6.47
C SER A 365 -8.29 -22.28 5.16
N SER A 366 -7.30 -21.80 4.40
CA SER A 366 -7.60 -21.28 3.07
C SER A 366 -7.98 -22.40 2.10
N PHE A 367 -7.29 -23.53 2.18
CA PHE A 367 -7.63 -24.69 1.35
C PHE A 367 -9.11 -25.04 1.51
N ALA A 368 -9.56 -25.14 2.75
CA ALA A 368 -10.95 -25.51 3.00
C ALA A 368 -11.90 -24.36 2.65
N GLY A 369 -11.50 -23.13 2.97
CA GLY A 369 -12.34 -21.98 2.65
C GLY A 369 -12.66 -21.89 1.17
N LEU A 370 -11.67 -22.16 0.32
CA LEU A 370 -11.94 -22.24 -1.11
C LEU A 370 -12.63 -23.55 -1.48
N GLU A 371 -12.35 -24.62 -0.73
CA GLU A 371 -12.89 -25.94 -1.09
C GLU A 371 -14.41 -25.97 -0.97
N GLY A 372 -14.96 -25.29 0.04
CA GLY A 372 -16.40 -25.27 0.20
C GLY A 372 -17.10 -24.55 -0.94
N VAL A 373 -16.53 -23.43 -1.41
CA VAL A 373 -17.14 -22.68 -2.50
C VAL A 373 -16.97 -23.42 -3.81
N ILE A 374 -15.79 -23.99 -4.06
CA ILE A 374 -15.57 -24.74 -5.30
C ILE A 374 -16.49 -25.95 -5.36
N THR A 375 -16.60 -26.68 -4.25
CA THR A 375 -17.55 -27.80 -4.20
C THR A 375 -18.98 -27.31 -4.40
N ALA A 376 -19.31 -26.15 -3.84
CA ALA A 376 -20.66 -25.61 -3.94
C ALA A 376 -21.02 -25.31 -5.39
N VAL A 377 -20.11 -24.66 -6.12
CA VAL A 377 -20.42 -24.26 -7.50
C VAL A 377 -20.33 -25.46 -8.44
N LEU A 378 -19.38 -26.36 -8.20
CA LEU A 378 -19.27 -27.56 -9.03
C LEU A 378 -20.50 -28.44 -8.87
N ASP A 379 -21.01 -28.58 -7.65
CA ASP A 379 -22.23 -29.34 -7.42
C ASP A 379 -23.47 -28.59 -7.88
N GLU A 380 -23.43 -27.26 -7.88
CA GLU A 380 -24.59 -26.48 -8.33
C GLU A 380 -24.69 -26.43 -9.85
N PHE A 381 -23.55 -26.41 -10.54
CA PHE A 381 -23.50 -26.39 -12.00
C PHE A 381 -22.73 -27.61 -12.49
N PRO A 382 -23.28 -28.82 -12.30
CA PRO A 382 -22.54 -30.02 -12.70
C PRO A 382 -22.60 -30.24 -14.21
N HIS A 383 -21.47 -30.73 -14.74
CA HIS A 383 -21.30 -31.13 -16.14
C HIS A 383 -21.36 -29.94 -17.09
N VAL A 384 -21.89 -28.80 -16.63
CA VAL A 384 -21.57 -27.52 -17.26
C VAL A 384 -20.24 -27.02 -16.70
N TRP A 385 -19.92 -27.39 -15.46
CA TRP A 385 -18.61 -27.27 -14.86
C TRP A 385 -18.04 -28.68 -14.68
N ALA A 386 -16.88 -28.76 -14.04
CA ALA A 386 -16.10 -29.98 -13.83
C ALA A 386 -15.49 -30.50 -15.13
N LYS A 387 -15.74 -29.83 -16.26
CA LYS A 387 -14.99 -30.14 -17.48
C LYS A 387 -13.50 -30.17 -17.21
N ARG A 388 -13.00 -29.20 -16.43
CA ARG A 388 -11.74 -29.31 -15.73
C ARG A 388 -11.89 -28.61 -14.39
N ARG A 389 -11.49 -29.28 -13.31
CA ARG A 389 -11.57 -28.64 -12.00
C ARG A 389 -10.48 -27.59 -11.84
N GLU A 390 -9.30 -27.82 -12.41
CA GLU A 390 -8.22 -26.83 -12.34
C GLU A 390 -8.61 -25.53 -13.02
N ARG A 391 -9.49 -25.59 -14.02
CA ARG A 391 -9.95 -24.37 -14.68
C ARG A 391 -10.77 -23.50 -13.74
N PHE A 392 -11.73 -24.11 -13.04
CA PHE A 392 -12.55 -23.34 -12.11
C PHE A 392 -11.75 -22.90 -10.90
N VAL A 393 -10.89 -23.78 -10.37
CA VAL A 393 -10.07 -23.41 -9.22
C VAL A 393 -9.15 -22.24 -9.57
N LEU A 394 -8.52 -22.29 -10.74
CA LEU A 394 -7.69 -21.18 -11.18
C LEU A 394 -8.52 -19.92 -11.39
N ALA A 395 -9.72 -20.06 -11.96
CA ALA A 395 -10.59 -18.91 -12.17
C ALA A 395 -11.00 -18.26 -10.85
N VAL A 396 -11.07 -19.05 -9.77
CA VAL A 396 -11.36 -18.47 -8.45
C VAL A 396 -10.10 -17.85 -7.86
N VAL A 397 -8.95 -18.51 -8.02
CA VAL A 397 -7.72 -18.03 -7.39
C VAL A 397 -7.30 -16.68 -7.98
N ILE A 398 -7.35 -16.55 -9.31
CA ILE A 398 -6.96 -15.28 -9.92
C ILE A 398 -7.90 -14.16 -9.52
N THR A 399 -9.20 -14.45 -9.47
CA THR A 399 -10.18 -13.46 -9.03
C THR A 399 -9.90 -13.03 -7.59
N CYS A 400 -9.53 -13.98 -6.73
CA CYS A 400 -9.15 -13.63 -5.37
C CYS A 400 -7.89 -12.77 -5.35
N PHE A 401 -6.97 -13.00 -6.28
CA PHE A 401 -5.76 -12.20 -6.33
C PHE A 401 -6.06 -10.76 -6.70
N PHE A 402 -6.88 -10.55 -7.75
CA PHE A 402 -7.27 -9.20 -8.10
C PHE A 402 -8.13 -8.56 -7.01
N GLY A 403 -8.87 -9.38 -6.26
CA GLY A 403 -9.62 -8.85 -5.13
C GLY A 403 -8.76 -8.50 -3.94
N SER A 404 -7.55 -9.06 -3.85
CA SER A 404 -6.64 -8.77 -2.76
C SER A 404 -5.70 -7.62 -3.06
N LEU A 405 -5.78 -7.02 -4.26
CA LEU A 405 -4.91 -5.90 -4.57
C LEU A 405 -5.26 -4.66 -3.74
N VAL A 406 -6.52 -4.53 -3.33
CA VAL A 406 -6.89 -3.45 -2.42
C VAL A 406 -6.21 -3.63 -1.07
N THR A 407 -5.99 -4.88 -0.67
CA THR A 407 -5.32 -5.17 0.60
C THR A 407 -3.81 -5.07 0.51
N LEU A 408 -3.25 -5.11 -0.70
CA LEU A 408 -1.81 -5.05 -0.90
C LEU A 408 -1.28 -3.62 -0.99
N THR A 409 -2.14 -2.62 -0.82
CA THR A 409 -1.69 -1.24 -0.86
C THR A 409 -0.95 -0.89 0.43
N PHE A 410 -0.47 0.36 0.51
CA PHE A 410 0.22 0.80 1.70
C PHE A 410 -0.70 0.90 2.90
N GLY A 411 -1.98 1.18 2.67
CA GLY A 411 -2.96 1.28 3.73
C GLY A 411 -3.83 0.04 3.85
N GLY A 412 -3.32 -1.09 3.38
CA GLY A 412 -4.13 -2.31 3.32
C GLY A 412 -4.62 -2.79 4.67
N ALA A 413 -3.82 -2.59 5.72
CA ALA A 413 -4.21 -3.09 7.04
C ALA A 413 -5.52 -2.47 7.52
N TYR A 414 -5.72 -1.18 7.25
CA TYR A 414 -6.99 -0.54 7.58
C TYR A 414 -8.15 -1.27 6.89
N VAL A 415 -7.96 -1.65 5.63
CA VAL A 415 -9.00 -2.39 4.92
C VAL A 415 -9.17 -3.78 5.51
N VAL A 416 -8.10 -4.37 6.06
CA VAL A 416 -8.22 -5.66 6.73
C VAL A 416 -9.13 -5.54 7.94
N LYS A 417 -8.86 -4.58 8.82
CA LYS A 417 -9.70 -4.38 10.00
C LYS A 417 -11.14 -4.06 9.60
N LEU A 418 -11.31 -3.16 8.64
CA LEU A 418 -12.65 -2.75 8.24
C LEU A 418 -13.46 -3.90 7.67
N LEU A 419 -12.84 -4.69 6.79
CA LEU A 419 -13.55 -5.81 6.18
C LEU A 419 -13.83 -6.91 7.19
N GLU A 420 -12.88 -7.19 8.08
CA GLU A 420 -13.06 -8.29 9.02
C GLU A 420 -14.10 -7.96 10.08
N GLU A 421 -13.97 -6.80 10.72
CA GLU A 421 -14.86 -6.47 11.84
C GLU A 421 -16.22 -5.97 11.35
N TYR A 422 -16.24 -5.03 10.42
CA TYR A 422 -17.48 -4.36 10.04
C TYR A 422 -18.21 -5.02 8.87
N ALA A 423 -17.61 -6.00 8.19
CA ALA A 423 -18.24 -6.51 6.98
C ALA A 423 -18.42 -8.02 7.00
N THR A 424 -17.32 -8.76 6.97
CA THR A 424 -17.41 -10.21 6.82
C THR A 424 -18.01 -10.86 8.06
N GLY A 425 -17.58 -10.44 9.25
CA GLY A 425 -18.02 -11.05 10.48
C GLY A 425 -19.51 -11.06 10.69
N PRO A 426 -20.15 -9.88 10.68
CA PRO A 426 -21.60 -9.84 10.90
C PRO A 426 -22.41 -10.54 9.81
N ALA A 427 -21.89 -10.61 8.59
CA ALA A 427 -22.60 -11.30 7.53
C ALA A 427 -22.43 -12.81 7.61
N VAL A 428 -21.28 -13.28 8.10
CA VAL A 428 -21.12 -14.72 8.34
C VAL A 428 -22.00 -15.16 9.52
N LEU A 429 -22.02 -14.36 10.58
CA LEU A 429 -22.95 -14.63 11.68
C LEU A 429 -24.40 -14.58 11.20
N THR A 430 -24.70 -13.65 10.29
CA THR A 430 -26.06 -13.52 9.78
C THR A 430 -26.47 -14.75 8.97
N VAL A 431 -25.65 -15.12 7.98
CA VAL A 431 -25.98 -16.28 7.14
C VAL A 431 -25.99 -17.55 7.96
N ALA A 432 -25.14 -17.64 8.98
CA ALA A 432 -25.19 -18.78 9.88
C ALA A 432 -26.48 -18.80 10.70
N LEU A 433 -27.00 -17.61 11.04
CA LEU A 433 -28.30 -17.54 11.70
C LEU A 433 -29.42 -17.99 10.77
N ILE A 434 -29.33 -17.60 9.49
CA ILE A 434 -30.35 -18.02 8.52
C ILE A 434 -30.31 -19.52 8.32
N GLU A 435 -29.12 -20.11 8.33
CA GLU A 435 -29.01 -21.56 8.19
C GLU A 435 -29.54 -22.27 9.43
N ALA A 436 -29.16 -21.79 10.62
CA ALA A 436 -29.62 -22.42 11.86
C ALA A 436 -31.14 -22.34 11.99
N VAL A 437 -31.73 -21.23 11.54
CA VAL A 437 -33.18 -21.12 11.57
C VAL A 437 -33.82 -21.99 10.50
N ALA A 438 -33.19 -22.07 9.33
CA ALA A 438 -33.79 -22.79 8.21
C ALA A 438 -33.80 -24.29 8.44
N VAL A 439 -32.70 -24.85 8.95
CA VAL A 439 -32.65 -26.30 9.14
C VAL A 439 -33.58 -26.72 10.26
N SER A 440 -33.65 -25.95 11.34
CA SER A 440 -34.43 -26.35 12.50
C SER A 440 -35.93 -26.10 12.29
N TRP A 441 -36.30 -24.90 11.85
CA TRP A 441 -37.68 -24.46 11.85
C TRP A 441 -38.38 -24.62 10.49
N PHE A 442 -37.68 -25.06 9.45
CA PHE A 442 -38.30 -25.26 8.14
C PHE A 442 -38.23 -26.73 7.74
N TYR A 443 -37.05 -27.27 7.43
CA TYR A 443 -36.90 -28.69 7.18
C TYR A 443 -37.31 -29.52 8.39
N GLY A 444 -37.26 -28.93 9.59
CA GLY A 444 -37.68 -29.59 10.80
C GLY A 444 -36.54 -30.26 11.52
N ILE A 445 -36.59 -30.25 12.85
CA ILE A 445 -35.54 -30.91 13.63
C ILE A 445 -35.82 -32.40 13.75
N THR A 446 -37.09 -32.81 13.71
CA THR A 446 -37.43 -34.22 13.86
C THR A 446 -36.94 -35.04 12.68
N GLN A 447 -37.15 -34.53 11.46
CA GLN A 447 -36.64 -35.21 10.29
C GLN A 447 -35.11 -35.23 10.27
N PHE A 448 -34.48 -34.19 10.82
CA PHE A 448 -33.03 -34.19 10.95
C PHE A 448 -32.56 -35.30 11.88
N CYS A 449 -33.22 -35.43 13.03
CA CYS A 449 -32.89 -36.52 13.95
C CYS A 449 -33.20 -37.87 13.33
N ARG A 450 -34.16 -37.93 12.41
CA ARG A 450 -34.42 -39.19 11.70
C ARG A 450 -33.31 -39.50 10.71
N ASP A 451 -32.76 -38.47 10.05
CA ASP A 451 -31.64 -38.69 9.14
C ASP A 451 -30.40 -39.14 9.91
N VAL A 452 -30.12 -38.50 11.05
CA VAL A 452 -29.05 -38.97 11.91
C VAL A 452 -29.33 -40.39 12.39
N LYS A 453 -30.60 -40.71 12.63
CA LYS A 453 -30.97 -42.08 12.98
C LYS A 453 -30.69 -43.04 11.83
N GLU A 454 -30.74 -42.56 10.59
CA GLU A 454 -30.43 -43.41 9.45
C GLU A 454 -28.92 -43.61 9.29
N MET A 455 -28.15 -42.52 9.38
CA MET A 455 -26.71 -42.64 9.18
C MET A 455 -26.03 -43.37 10.34
N LEU A 456 -26.28 -42.91 11.57
CA LEU A 456 -25.62 -43.48 12.74
C LEU A 456 -26.32 -44.70 13.30
N GLY A 457 -27.54 -45.01 12.84
CA GLY A 457 -28.30 -46.12 13.37
C GLY A 457 -29.11 -45.81 14.60
N PHE A 458 -28.93 -44.63 15.20
CA PHE A 458 -29.67 -44.24 16.39
C PHE A 458 -29.95 -42.75 16.33
N SER A 459 -31.10 -42.36 16.88
CA SER A 459 -31.48 -40.95 16.91
C SER A 459 -30.62 -40.18 17.90
N PRO A 460 -30.29 -38.93 17.59
CA PRO A 460 -29.50 -38.13 18.53
C PRO A 460 -30.27 -37.85 19.81
N GLY A 461 -29.53 -37.65 20.89
CA GLY A 461 -30.13 -37.48 22.19
C GLY A 461 -30.93 -36.19 22.31
N TRP A 462 -31.70 -36.12 23.40
CA TRP A 462 -32.51 -34.94 23.68
C TRP A 462 -31.62 -33.72 23.95
N PHE A 463 -30.42 -33.94 24.46
CA PHE A 463 -29.50 -32.83 24.74
C PHE A 463 -29.14 -32.08 23.47
N TRP A 464 -28.92 -32.80 22.37
CA TRP A 464 -28.58 -32.16 21.11
C TRP A 464 -29.83 -31.59 20.43
N ARG A 465 -30.95 -32.32 20.50
CA ARG A 465 -32.18 -31.85 19.89
C ARG A 465 -32.63 -30.52 20.50
N ILE A 466 -32.61 -30.43 21.83
CA ILE A 466 -33.00 -29.19 22.49
C ILE A 466 -32.00 -28.07 22.19
N CYS A 467 -30.77 -28.42 21.82
CA CYS A 467 -29.81 -27.40 21.42
C CYS A 467 -30.11 -26.88 20.02
N TRP A 468 -30.46 -27.76 19.08
CA TRP A 468 -30.77 -27.31 17.73
C TRP A 468 -32.09 -26.56 17.67
N VAL A 469 -33.07 -26.96 18.50
CA VAL A 469 -34.38 -26.33 18.47
C VAL A 469 -34.29 -24.90 18.97
N ALA A 470 -33.60 -24.69 20.08
CA ALA A 470 -33.62 -23.42 20.80
C ALA A 470 -32.23 -22.83 20.97
N ILE A 471 -31.32 -23.55 21.64
CA ILE A 471 -30.09 -22.94 22.16
C ILE A 471 -29.25 -22.33 21.05
N SER A 472 -29.09 -23.05 19.92
CA SER A 472 -28.19 -22.55 18.88
C SER A 472 -28.70 -21.31 18.18
N PRO A 473 -29.94 -21.25 17.67
CA PRO A 473 -30.39 -20.01 16.99
C PRO A 473 -30.35 -18.79 17.88
N LEU A 474 -30.74 -18.93 19.16
CA LEU A 474 -30.59 -17.82 20.09
C LEU A 474 -29.14 -17.54 20.39
N PHE A 475 -28.27 -18.56 20.25
CA PHE A 475 -26.85 -18.38 20.49
C PHE A 475 -26.22 -17.49 19.43
N LEU A 476 -26.61 -17.66 18.17
CA LEU A 476 -26.14 -16.75 17.13
C LEU A 476 -26.87 -15.41 17.21
N LEU A 477 -28.16 -15.45 17.55
CA LEU A 477 -28.95 -14.23 17.62
C LEU A 477 -28.41 -13.27 18.67
N PHE A 478 -27.90 -13.81 19.78
CA PHE A 478 -27.32 -12.97 20.83
C PHE A 478 -26.10 -12.23 20.31
N ILE A 479 -25.27 -12.91 19.52
CA ILE A 479 -24.05 -12.28 19.01
C ILE A 479 -24.40 -11.22 17.96
N ILE A 480 -25.29 -11.56 17.01
CA ILE A 480 -25.67 -10.61 15.98
C ILE A 480 -26.32 -9.38 16.61
N ALA A 481 -27.24 -9.58 17.54
CA ALA A 481 -27.89 -8.45 18.21
C ALA A 481 -26.89 -7.63 19.00
N SER A 482 -25.93 -8.29 19.65
CA SER A 482 -24.93 -7.56 20.43
C SER A 482 -24.06 -6.69 19.54
N PHE A 483 -23.67 -7.21 18.36
CA PHE A 483 -22.85 -6.42 17.45
C PHE A 483 -23.65 -5.26 16.86
N LEU A 484 -24.85 -5.54 16.35
CA LEU A 484 -25.64 -4.49 15.71
C LEU A 484 -26.05 -3.41 16.70
N MET A 485 -26.24 -3.78 17.97
CA MET A 485 -26.65 -2.79 18.96
C MET A 485 -25.50 -1.82 19.29
N SER A 486 -24.28 -2.33 19.41
CA SER A 486 -23.12 -1.50 19.71
C SER A 486 -21.92 -1.98 18.89
N PRO A 487 -21.81 -1.55 17.64
CA PRO A 487 -20.60 -1.83 16.86
C PRO A 487 -19.37 -1.22 17.51
N PRO A 488 -18.29 -1.97 17.63
CA PRO A 488 -17.12 -1.47 18.34
C PRO A 488 -16.40 -0.38 17.57
N GLN A 489 -15.75 0.51 18.32
CA GLN A 489 -14.96 1.58 17.73
C GLN A 489 -13.61 1.03 17.27
N LEU A 490 -13.28 1.23 15.99
CA LEU A 490 -12.08 0.65 15.42
C LEU A 490 -10.89 1.59 15.56
N ARG A 491 -9.75 1.03 15.94
CA ARG A 491 -8.50 1.79 16.05
C ARG A 491 -7.34 0.89 15.65
N LEU A 492 -6.43 1.42 14.84
CA LEU A 492 -5.23 0.69 14.46
C LEU A 492 -4.07 1.67 14.31
N PHE A 493 -2.92 1.30 14.86
CA PHE A 493 -1.65 2.02 14.70
C PHE A 493 -1.82 3.53 14.89
N GLN A 494 -2.20 3.91 16.11
CA GLN A 494 -2.32 5.32 16.49
C GLN A 494 -3.23 6.09 15.54
N TYR A 495 -4.22 5.40 14.97
CA TYR A 495 -5.12 6.01 13.99
C TYR A 495 -6.55 5.57 14.28
N ASN A 496 -7.44 6.54 14.47
CA ASN A 496 -8.84 6.27 14.72
C ASN A 496 -9.63 6.30 13.42
N TYR A 497 -10.52 5.32 13.26
CA TYR A 497 -11.29 5.21 12.04
C TYR A 497 -12.33 6.32 11.95
N PRO A 498 -12.65 6.77 10.75
CA PRO A 498 -13.69 7.79 10.59
C PRO A 498 -15.06 7.28 11.02
N TYR A 499 -15.97 8.21 11.29
CA TYR A 499 -17.30 7.84 11.75
C TYR A 499 -18.08 7.08 10.69
N TRP A 500 -17.77 7.32 9.41
CA TRP A 500 -18.50 6.67 8.32
C TRP A 500 -17.99 5.26 8.01
N SER A 501 -16.97 4.79 8.73
CA SER A 501 -16.45 3.45 8.49
C SER A 501 -17.55 2.40 8.63
N ILE A 502 -18.37 2.52 9.67
CA ILE A 502 -19.47 1.58 9.88
C ILE A 502 -20.44 1.61 8.69
N ILE A 503 -20.56 2.76 8.03
CA ILE A 503 -21.40 2.84 6.84
C ILE A 503 -20.79 2.01 5.71
N LEU A 504 -19.46 2.06 5.57
CA LEU A 504 -18.81 1.33 4.49
C LEU A 504 -18.88 -0.18 4.72
N GLY A 505 -18.46 -0.63 5.90
CA GLY A 505 -18.51 -2.05 6.20
C GLY A 505 -19.90 -2.63 6.02
N TYR A 506 -20.90 -1.98 6.63
CA TYR A 506 -22.28 -2.39 6.40
C TYR A 506 -22.62 -2.42 4.92
N ALA A 507 -22.20 -1.39 4.17
CA ALA A 507 -22.44 -1.36 2.74
C ALA A 507 -21.78 -2.56 2.05
N ILE A 508 -20.61 -2.97 2.54
CA ILE A 508 -19.99 -4.17 2.01
C ILE A 508 -20.66 -5.41 2.60
N GLY A 509 -21.12 -5.33 3.85
CA GLY A 509 -21.79 -6.48 4.45
C GLY A 509 -23.14 -6.76 3.82
N THR A 510 -23.95 -5.71 3.65
CA THR A 510 -25.28 -5.89 3.07
C THR A 510 -25.19 -6.37 1.62
N SER A 511 -24.22 -5.85 0.87
CA SER A 511 -24.08 -6.22 -0.54
C SER A 511 -23.73 -7.68 -0.75
N SER A 512 -23.33 -8.40 0.30
CA SER A 512 -23.01 -9.81 0.14
C SER A 512 -24.28 -10.66 0.11
N PHE A 513 -25.20 -10.43 1.03
CA PHE A 513 -26.41 -11.23 1.14
C PHE A 513 -27.61 -10.63 0.41
N ILE A 514 -27.41 -9.60 -0.42
CA ILE A 514 -28.49 -9.06 -1.24
C ILE A 514 -29.15 -10.15 -2.07
N CYS A 515 -28.44 -11.25 -2.31
CA CYS A 515 -28.91 -12.28 -3.22
C CYS A 515 -30.03 -13.13 -2.64
N ILE A 516 -30.04 -13.40 -1.34
CA ILE A 516 -31.05 -14.31 -0.79
C ILE A 516 -32.46 -13.69 -0.81
N PRO A 517 -32.67 -12.44 -0.37
CA PRO A 517 -34.05 -11.91 -0.44
C PRO A 517 -34.54 -11.73 -1.87
N THR A 518 -33.69 -11.25 -2.78
CA THR A 518 -34.08 -11.11 -4.18
C THR A 518 -34.29 -12.47 -4.84
N TYR A 519 -33.65 -13.52 -4.33
CA TYR A 519 -33.88 -14.87 -4.84
C TYR A 519 -35.19 -15.44 -4.30
N ILE A 520 -35.51 -15.13 -3.05
CA ILE A 520 -36.82 -15.48 -2.51
C ILE A 520 -37.92 -14.80 -3.32
N ALA A 521 -37.70 -13.54 -3.68
CA ALA A 521 -38.62 -12.85 -4.58
C ALA A 521 -38.61 -13.45 -5.97
N TYR A 522 -37.46 -14.02 -6.39
CA TYR A 522 -37.38 -14.65 -7.71
C TYR A 522 -38.25 -15.89 -7.77
N ARG A 523 -38.09 -16.81 -6.82
CA ARG A 523 -38.91 -18.01 -6.80
C ARG A 523 -40.36 -17.69 -6.45
N LEU A 524 -40.59 -16.62 -5.68
CA LEU A 524 -41.95 -16.23 -5.35
C LEU A 524 -42.70 -15.69 -6.56
N ILE A 525 -42.00 -14.93 -7.40
CA ILE A 525 -42.63 -14.41 -8.62
C ILE A 525 -42.64 -15.44 -9.74
N ILE A 526 -41.76 -16.44 -9.70
CA ILE A 526 -41.69 -17.41 -10.78
C ILE A 526 -42.76 -18.48 -10.66
N THR A 527 -43.00 -18.96 -9.44
CA THR A 527 -43.92 -20.08 -9.23
C THR A 527 -45.36 -19.63 -9.44
N PRO A 528 -46.12 -20.27 -10.34
CA PRO A 528 -47.51 -19.86 -10.55
C PRO A 528 -48.43 -20.27 -9.41
N GLY A 529 -49.72 -20.02 -9.56
CA GLY A 529 -50.69 -20.37 -8.54
C GLY A 529 -50.70 -19.37 -7.39
N THR A 530 -51.33 -19.79 -6.31
CA THR A 530 -51.41 -18.95 -5.11
C THR A 530 -50.04 -18.85 -4.44
N PHE A 531 -49.86 -17.78 -3.67
CA PHE A 531 -48.61 -17.59 -2.96
C PHE A 531 -48.40 -18.67 -1.90
N LYS A 532 -49.48 -19.24 -1.37
CA LYS A 532 -49.36 -20.34 -0.43
C LYS A 532 -48.88 -21.61 -1.12
N GLU A 533 -49.24 -21.80 -2.39
CA GLU A 533 -48.74 -22.96 -3.12
C GLU A 533 -47.29 -22.76 -3.54
N ARG A 534 -46.92 -21.53 -3.89
CA ARG A 534 -45.53 -21.23 -4.19
C ARG A 534 -44.65 -21.40 -2.95
N ILE A 535 -45.11 -20.90 -1.81
CA ILE A 535 -44.36 -21.10 -0.57
C ILE A 535 -44.46 -22.54 -0.09
N ILE A 536 -45.41 -23.31 -0.62
CA ILE A 536 -45.50 -24.73 -0.31
C ILE A 536 -44.46 -25.51 -1.10
N LYS A 537 -44.29 -25.19 -2.39
CA LYS A 537 -43.21 -25.78 -3.17
C LYS A 537 -41.86 -25.30 -2.69
N SER A 538 -41.80 -24.10 -2.11
CA SER A 538 -40.55 -23.60 -1.55
C SER A 538 -40.25 -24.23 -0.18
N ILE A 539 -41.28 -24.56 0.59
CA ILE A 539 -41.06 -25.20 1.87
C ILE A 539 -40.80 -26.69 1.69
N THR A 540 -41.55 -27.34 0.79
CA THR A 540 -41.35 -28.76 0.54
C THR A 540 -40.10 -28.97 -0.29
N PRO A 541 -39.29 -29.99 0.03
CA PRO A 541 -38.08 -30.24 -0.74
C PRO A 541 -38.39 -30.67 -2.17
N GLU A 542 -37.38 -30.55 -3.02
CA GLU A 542 -37.50 -30.94 -4.43
C GLU A 542 -36.58 -32.12 -4.75
N GLU B 1 8.74 13.52 10.72
CA GLU B 1 7.90 14.45 9.95
C GLU B 1 8.48 15.86 9.98
N VAL B 2 9.80 15.97 9.80
CA VAL B 2 10.44 17.27 9.78
C VAL B 2 10.09 17.97 8.48
N GLN B 3 9.52 19.18 8.58
CA GLN B 3 9.08 19.92 7.41
C GLN B 3 9.45 21.39 7.57
N LEU B 4 10.09 21.95 6.54
CA LEU B 4 10.39 23.36 6.45
C LEU B 4 9.60 23.92 5.27
N GLN B 5 8.60 24.76 5.57
CA GLN B 5 7.69 25.31 4.57
C GLN B 5 8.05 26.77 4.35
N GLN B 6 8.61 27.08 3.18
CA GLN B 6 8.99 28.44 2.87
C GLN B 6 7.79 29.22 2.31
N SER B 7 8.02 30.48 1.97
CA SER B 7 7.00 31.30 1.36
C SER B 7 6.94 31.03 -0.15
N GLY B 8 6.02 31.71 -0.83
CA GLY B 8 5.84 31.53 -2.25
C GLY B 8 6.83 32.34 -3.07
N PRO B 9 6.66 32.32 -4.39
CA PRO B 9 7.57 33.09 -5.25
C PRO B 9 7.35 34.59 -5.08
N GLU B 10 8.37 35.35 -5.47
CA GLU B 10 8.34 36.80 -5.34
C GLU B 10 8.91 37.45 -6.59
N LEU B 11 8.21 38.46 -7.09
CA LEU B 11 8.69 39.31 -8.17
C LEU B 11 8.78 40.74 -7.64
N VAL B 12 9.98 41.32 -7.69
CA VAL B 12 10.21 42.64 -7.11
C VAL B 12 11.08 43.46 -8.06
N LYS B 13 10.81 44.76 -8.11
CA LYS B 13 11.60 45.64 -8.94
C LYS B 13 13.01 45.80 -8.35
N PRO B 14 14.01 46.03 -9.21
CA PRO B 14 15.37 46.26 -8.69
C PRO B 14 15.44 47.47 -7.78
N GLY B 15 16.23 47.36 -6.72
CA GLY B 15 16.36 48.41 -5.73
C GLY B 15 15.44 48.27 -4.54
N ALA B 16 14.45 47.38 -4.61
CA ALA B 16 13.51 47.18 -3.51
C ALA B 16 14.07 46.14 -2.55
N SER B 17 13.24 45.71 -1.59
CA SER B 17 13.62 44.69 -0.62
C SER B 17 12.59 43.58 -0.64
N VAL B 18 12.99 42.41 -0.13
CA VAL B 18 12.11 41.24 -0.12
C VAL B 18 12.40 40.42 1.12
N LYS B 19 11.37 39.77 1.65
CA LYS B 19 11.50 38.93 2.85
C LYS B 19 10.92 37.56 2.57
N ILE B 20 11.66 36.51 2.93
CA ILE B 20 11.25 35.13 2.76
C ILE B 20 11.20 34.47 4.13
N SER B 21 10.14 33.70 4.37
CA SER B 21 9.99 33.02 5.66
C SER B 21 10.31 31.53 5.54
N CYS B 22 10.36 30.88 6.70
CA CYS B 22 10.57 29.45 6.83
C CYS B 22 9.77 28.98 8.03
N LYS B 23 8.93 27.97 7.84
CA LYS B 23 8.10 27.43 8.91
C LYS B 23 8.59 26.03 9.24
N ALA B 24 9.19 25.87 10.41
CA ALA B 24 9.78 24.61 10.83
C ALA B 24 8.79 23.80 11.66
N SER B 25 8.80 22.49 11.46
CA SER B 25 7.93 21.60 12.21
C SER B 25 8.54 20.21 12.21
N GLY B 26 8.10 19.39 13.17
CA GLY B 26 8.56 18.02 13.28
C GLY B 26 9.81 17.83 14.09
N TYR B 27 10.36 18.87 14.68
CA TYR B 27 11.57 18.78 15.48
C TYR B 27 11.60 19.93 16.47
N THR B 28 12.45 19.81 17.50
CA THR B 28 12.59 20.89 18.47
C THR B 28 13.29 22.08 17.81
N PHE B 29 12.61 23.23 17.78
CA PHE B 29 13.07 24.33 16.95
C PHE B 29 14.30 25.02 17.55
N THR B 30 14.44 24.96 18.87
CA THR B 30 15.57 25.59 19.54
C THR B 30 16.84 24.74 19.52
N ASP B 31 16.77 23.51 19.01
CA ASP B 31 17.91 22.60 19.04
C ASP B 31 18.86 22.76 17.87
N TYR B 32 18.47 23.46 16.80
CA TYR B 32 19.26 23.42 15.57
C TYR B 32 19.42 24.82 14.98
N TYR B 33 20.55 25.01 14.30
CA TYR B 33 20.78 26.18 13.48
C TYR B 33 19.86 26.19 12.26
N MET B 34 19.36 27.37 11.91
CA MET B 34 18.60 27.57 10.68
C MET B 34 19.49 28.29 9.67
N ASN B 35 19.48 27.80 8.42
CA ASN B 35 20.40 28.25 7.40
C ASN B 35 19.63 28.65 6.15
N TRP B 36 20.33 29.38 5.26
CA TRP B 36 19.78 29.77 3.98
C TRP B 36 20.84 29.58 2.90
N VAL B 37 20.47 28.89 1.83
CA VAL B 37 21.37 28.58 0.73
C VAL B 37 20.77 29.16 -0.55
N LYS B 38 21.55 29.99 -1.24
CA LYS B 38 21.16 30.56 -2.52
C LYS B 38 21.69 29.68 -3.64
N GLN B 39 20.79 29.27 -4.55
CA GLN B 39 21.17 28.50 -5.73
C GLN B 39 20.74 29.30 -6.95
N SER B 40 21.73 29.78 -7.71
CA SER B 40 21.45 30.47 -8.96
C SER B 40 21.05 29.47 -10.04
N HIS B 41 20.36 29.98 -11.06
CA HIS B 41 19.93 29.13 -12.17
C HIS B 41 21.14 28.53 -12.87
N GLY B 42 21.17 27.20 -12.97
CA GLY B 42 22.28 26.50 -13.58
C GLY B 42 23.58 26.53 -12.80
N LYS B 43 23.61 27.18 -11.64
CA LYS B 43 24.83 27.29 -10.84
C LYS B 43 24.76 26.36 -9.64
N SER B 44 25.79 26.41 -8.81
CA SER B 44 25.91 25.54 -7.66
C SER B 44 25.30 26.19 -6.42
N LEU B 45 25.34 25.48 -5.30
CA LEU B 45 24.80 25.98 -4.04
C LEU B 45 25.77 26.95 -3.38
N GLU B 46 25.22 27.95 -2.70
CA GLU B 46 26.01 28.98 -2.06
C GLU B 46 25.46 29.23 -0.66
N TRP B 47 26.28 28.99 0.37
CA TRP B 47 25.84 29.16 1.74
C TRP B 47 25.81 30.63 2.10
N ILE B 48 24.65 31.10 2.58
CA ILE B 48 24.47 32.50 2.94
C ILE B 48 24.93 32.71 4.38
N GLY B 49 24.21 32.09 5.32
CA GLY B 49 24.55 32.23 6.72
C GLY B 49 23.53 31.51 7.57
N ASN B 50 23.87 31.34 8.85
CA ASN B 50 23.01 30.67 9.79
C ASN B 50 22.62 31.61 10.93
N ILE B 51 21.74 31.11 11.78
CA ILE B 51 21.22 31.87 12.93
C ILE B 51 20.88 30.88 14.05
N ASN B 52 21.15 31.30 15.27
CA ASN B 52 20.86 30.52 16.46
C ASN B 52 19.51 30.97 17.00
N PRO B 53 18.49 30.10 16.98
CA PRO B 53 17.13 30.55 17.35
C PRO B 53 16.99 30.92 18.81
N ASN B 54 17.83 30.38 19.70
CA ASN B 54 17.70 30.69 21.13
C ASN B 54 17.92 32.17 21.37
N ASN B 55 19.11 32.67 21.05
CA ASN B 55 19.40 34.10 21.08
C ASN B 55 19.31 34.76 19.72
N GLY B 56 19.04 33.99 18.67
CA GLY B 56 19.08 34.52 17.32
C GLY B 56 20.46 34.88 16.84
N GLY B 57 21.50 34.19 17.32
CA GLY B 57 22.87 34.59 17.01
C GLY B 57 23.19 34.37 15.54
N THR B 58 23.57 35.44 14.84
CA THR B 58 23.70 35.39 13.39
C THR B 58 25.16 35.20 12.99
N SER B 59 25.39 34.30 12.04
CA SER B 59 26.71 34.09 11.44
C SER B 59 26.56 34.16 9.93
N TYR B 60 27.15 35.19 9.32
CA TYR B 60 26.98 35.42 7.88
C TYR B 60 28.24 34.98 7.13
N ASN B 61 28.18 35.14 5.81
CA ASN B 61 29.31 34.90 4.93
C ASN B 61 29.90 36.24 4.51
N GLN B 62 31.23 36.29 4.38
CA GLN B 62 31.89 37.52 3.97
C GLN B 62 31.38 38.00 2.61
N LYS B 63 30.96 37.08 1.75
CA LYS B 63 30.40 37.46 0.46
C LYS B 63 29.03 38.11 0.62
N PHE B 64 28.23 37.63 1.56
CA PHE B 64 26.88 38.14 1.79
C PHE B 64 26.81 39.17 2.91
N LYS B 65 27.95 39.56 3.49
CA LYS B 65 27.93 40.57 4.55
C LYS B 65 27.36 41.87 4.03
N GLY B 66 26.37 42.39 4.75
CA GLY B 66 25.65 43.59 4.33
C GLY B 66 24.58 43.35 3.29
N LYS B 67 24.42 42.11 2.82
CA LYS B 67 23.42 41.78 1.80
C LYS B 67 22.16 41.20 2.43
N ALA B 68 22.27 40.04 3.08
CA ALA B 68 21.13 39.36 3.67
C ALA B 68 21.10 39.57 5.18
N THR B 69 19.89 39.65 5.73
CA THR B 69 19.68 39.79 7.16
C THR B 69 18.76 38.68 7.65
N LEU B 70 19.23 37.93 8.65
CA LEU B 70 18.49 36.79 9.18
C LEU B 70 17.85 37.15 10.52
N THR B 71 16.59 36.73 10.69
CA THR B 71 15.86 36.90 11.93
C THR B 71 15.15 35.59 12.26
N VAL B 72 14.66 35.49 13.50
CA VAL B 72 14.01 34.27 13.97
C VAL B 72 12.91 34.64 14.95
N ASP B 73 11.85 33.83 14.96
CA ASP B 73 10.74 33.99 15.90
C ASP B 73 10.48 32.64 16.55
N LYS B 74 10.67 32.57 17.87
CA LYS B 74 10.45 31.33 18.61
C LYS B 74 8.98 31.07 18.91
N SER B 75 8.15 32.12 18.92
CA SER B 75 6.74 31.92 19.21
C SER B 75 6.07 31.06 18.15
N SER B 76 6.26 31.41 16.88
CA SER B 76 5.74 30.63 15.77
C SER B 76 6.76 29.65 15.20
N THR B 77 7.98 29.64 15.73
CA THR B 77 9.08 28.83 15.20
C THR B 77 9.24 29.06 13.70
N THR B 78 9.57 30.30 13.35
CA THR B 78 9.63 30.73 11.96
C THR B 78 10.84 31.62 11.76
N ALA B 79 11.63 31.31 10.73
CA ALA B 79 12.84 32.07 10.43
C ALA B 79 12.62 32.96 9.22
N TYR B 80 13.30 34.09 9.19
CA TYR B 80 13.11 35.06 8.11
C TYR B 80 14.46 35.49 7.55
N MET B 81 14.47 35.77 6.25
CA MET B 81 15.63 36.31 5.56
C MET B 81 15.19 37.48 4.70
N GLU B 82 15.84 38.63 4.88
CA GLU B 82 15.51 39.84 4.16
C GLU B 82 16.68 40.26 3.28
N LEU B 83 16.37 40.69 2.06
CA LEU B 83 17.34 41.13 1.07
C LEU B 83 17.02 42.55 0.64
N ARG B 84 18.04 43.41 0.62
CA ARG B 84 17.92 44.78 0.14
C ARG B 84 18.88 45.00 -1.02
N SER B 85 18.61 46.04 -1.79
CA SER B 85 19.38 46.37 -3.00
C SER B 85 19.40 45.19 -3.97
N LEU B 86 18.23 44.92 -4.52
CA LEU B 86 18.03 43.75 -5.38
C LEU B 86 18.46 44.06 -6.80
N THR B 87 19.20 43.13 -7.41
CA THR B 87 19.67 43.24 -8.77
C THR B 87 19.29 41.97 -9.54
N SER B 88 19.75 41.89 -10.79
CA SER B 88 19.43 40.73 -11.62
C SER B 88 20.14 39.48 -11.12
N GLU B 89 21.31 39.62 -10.49
CA GLU B 89 22.00 38.46 -9.95
C GLU B 89 21.22 37.82 -8.80
N ASP B 90 20.40 38.61 -8.11
CA ASP B 90 19.64 38.09 -6.97
C ASP B 90 18.48 37.20 -7.38
N SER B 91 18.21 37.08 -8.68
CA SER B 91 17.16 36.18 -9.14
C SER B 91 17.70 34.75 -9.13
N ALA B 92 17.09 33.90 -8.32
CA ALA B 92 17.59 32.57 -8.03
C ALA B 92 16.61 31.87 -7.11
N VAL B 93 16.88 30.60 -6.83
CA VAL B 93 16.07 29.79 -5.94
C VAL B 93 16.76 29.75 -4.58
N TYR B 94 16.06 30.20 -3.55
CA TYR B 94 16.59 30.26 -2.19
C TYR B 94 15.98 29.16 -1.34
N TYR B 95 16.77 28.61 -0.42
CA TYR B 95 16.34 27.55 0.47
C TYR B 95 16.66 27.91 1.91
N CYS B 96 15.85 27.39 2.83
CA CYS B 96 16.15 27.42 4.26
C CYS B 96 16.28 25.98 4.73
N THR B 97 17.41 25.67 5.38
CA THR B 97 17.70 24.30 5.74
C THR B 97 18.18 24.20 7.17
N ARG B 98 17.79 23.12 7.84
CA ARG B 98 18.18 22.87 9.22
C ARG B 98 19.59 22.27 9.27
N SER B 99 20.35 22.65 10.29
CA SER B 99 21.70 22.11 10.46
C SER B 99 22.00 21.98 11.95
N PRO B 100 22.77 20.97 12.35
CA PRO B 100 23.21 20.89 13.74
C PRO B 100 24.48 21.69 13.99
N VAL B 101 25.03 21.62 15.20
CA VAL B 101 26.27 22.32 15.50
C VAL B 101 27.48 21.55 14.97
N ARG B 102 27.42 20.22 14.99
CA ARG B 102 28.52 19.38 14.55
C ARG B 102 28.12 17.91 14.56
N PRO B 103 28.48 17.16 13.50
CA PRO B 103 29.06 17.69 12.27
C PRO B 103 28.05 18.54 11.50
N TYR B 104 28.52 19.51 10.73
CA TYR B 104 27.65 20.54 10.17
C TYR B 104 27.15 20.04 8.82
N TYR B 105 25.87 19.72 8.74
CA TYR B 105 25.28 19.26 7.50
C TYR B 105 23.85 19.75 7.43
N PHE B 106 23.31 19.77 6.22
CA PHE B 106 21.94 20.21 6.01
C PHE B 106 21.11 18.95 5.84
N ASP B 107 20.36 18.59 6.89
CA ASP B 107 19.59 17.36 6.88
C ASP B 107 18.24 17.55 6.20
N TYR B 108 17.57 18.67 6.46
CA TYR B 108 16.25 18.94 5.92
C TYR B 108 16.24 20.31 5.28
N TRP B 109 15.69 20.41 4.08
CA TRP B 109 15.63 21.63 3.32
C TRP B 109 14.18 22.06 3.12
N GLY B 110 13.97 23.35 2.94
CA GLY B 110 12.68 23.85 2.51
C GLY B 110 12.46 23.58 1.02
N GLN B 111 11.20 23.71 0.60
CA GLN B 111 10.87 23.42 -0.79
C GLN B 111 11.48 24.40 -1.77
N GLY B 112 11.96 25.54 -1.29
CA GLY B 112 12.60 26.52 -2.14
C GLY B 112 11.71 27.72 -2.40
N THR B 113 12.35 28.84 -2.74
CA THR B 113 11.65 30.08 -3.05
C THR B 113 12.25 30.67 -4.31
N THR B 114 11.43 30.82 -5.34
CA THR B 114 11.87 31.39 -6.60
C THR B 114 11.74 32.91 -6.54
N LEU B 115 12.86 33.61 -6.68
CA LEU B 115 12.91 35.06 -6.63
C LEU B 115 13.22 35.60 -8.02
N THR B 116 12.47 36.62 -8.45
CA THR B 116 12.71 37.30 -9.71
C THR B 116 12.76 38.79 -9.46
N VAL B 117 13.90 39.40 -9.77
CA VAL B 117 14.10 40.84 -9.62
C VAL B 117 14.07 41.44 -11.01
N SER B 118 12.99 42.17 -11.33
CA SER B 118 12.86 42.83 -12.61
C SER B 118 11.82 43.93 -12.50
N SER B 119 11.89 44.89 -13.42
CA SER B 119 10.91 45.96 -13.51
C SER B 119 9.80 45.65 -14.50
N ALA B 120 9.84 44.48 -15.14
CA ALA B 120 8.82 44.13 -16.12
C ALA B 120 7.47 43.94 -15.44
N LYS B 121 6.43 44.41 -16.11
CA LYS B 121 5.07 44.30 -15.58
C LYS B 121 4.67 42.83 -15.50
N THR B 122 3.90 42.49 -14.47
CA THR B 122 3.39 41.13 -14.34
C THR B 122 2.35 40.88 -15.42
N THR B 123 2.60 39.86 -16.24
CA THR B 123 1.77 39.60 -17.41
C THR B 123 0.98 38.31 -17.23
N PRO B 124 -0.35 38.36 -17.29
CA PRO B 124 -1.14 37.12 -17.16
C PRO B 124 -0.91 36.21 -18.35
N PRO B 125 -0.84 34.91 -18.12
CA PRO B 125 -0.56 33.98 -19.22
C PRO B 125 -1.78 33.75 -20.10
N SER B 126 -1.51 33.41 -21.36
CA SER B 126 -2.54 33.03 -22.32
C SER B 126 -2.54 31.51 -22.44
N VAL B 127 -3.70 30.90 -22.22
CA VAL B 127 -3.85 29.46 -22.17
C VAL B 127 -4.60 29.03 -23.42
N TYR B 128 -3.89 28.37 -24.34
CA TYR B 128 -4.47 27.88 -25.59
C TYR B 128 -4.37 26.37 -25.65
N PRO B 129 -5.48 25.64 -25.69
CA PRO B 129 -5.41 24.17 -25.71
C PRO B 129 -4.93 23.66 -27.06
N LEU B 130 -4.25 22.51 -27.03
CA LEU B 130 -3.77 21.86 -28.24
C LEU B 130 -4.50 20.53 -28.41
N ALA B 131 -5.41 20.48 -29.38
CA ALA B 131 -6.26 19.32 -29.62
C ALA B 131 -5.82 18.59 -30.87
N PRO B 132 -5.60 17.27 -30.79
CA PRO B 132 -5.26 16.51 -32.00
C PRO B 132 -6.35 16.63 -33.06
N GLY B 133 -5.92 16.61 -34.32
CA GLY B 133 -6.86 16.77 -35.41
C GLY B 133 -7.77 15.58 -35.57
N CYS B 134 -8.88 15.81 -36.29
CA CYS B 134 -9.85 14.76 -36.56
C CYS B 134 -9.44 13.85 -37.71
N GLY B 135 -8.38 14.20 -38.45
CA GLY B 135 -7.86 13.37 -39.51
C GLY B 135 -6.73 12.47 -39.10
N ASP B 136 -6.27 12.56 -37.86
CA ASP B 136 -5.18 11.72 -37.38
C ASP B 136 -5.65 10.28 -37.21
N THR B 137 -4.68 9.36 -37.22
CA THR B 137 -4.95 7.95 -37.03
C THR B 137 -4.91 7.63 -35.54
N THR B 138 -6.04 7.16 -35.00
CA THR B 138 -6.10 6.81 -33.59
C THR B 138 -5.51 5.42 -33.40
N GLY B 139 -4.44 5.34 -32.63
CA GLY B 139 -3.73 4.11 -32.35
C GLY B 139 -4.00 3.59 -30.96
N SER B 140 -3.02 2.87 -30.42
CA SER B 140 -3.13 2.39 -29.04
C SER B 140 -3.08 3.52 -28.03
N SER B 141 -2.59 4.70 -28.42
CA SER B 141 -2.51 5.83 -27.51
C SER B 141 -2.62 7.13 -28.31
N VAL B 142 -3.19 8.14 -27.67
CA VAL B 142 -3.32 9.48 -28.23
C VAL B 142 -2.62 10.45 -27.29
N THR B 143 -2.02 11.50 -27.87
CA THR B 143 -1.25 12.48 -27.14
C THR B 143 -1.94 13.83 -27.20
N LEU B 144 -2.28 14.38 -26.04
CA LEU B 144 -2.89 15.69 -25.89
C LEU B 144 -1.85 16.67 -25.34
N GLY B 145 -2.28 17.92 -25.16
CA GLY B 145 -1.39 18.92 -24.61
C GLY B 145 -2.04 20.29 -24.58
N CYS B 146 -1.45 21.17 -23.78
CA CYS B 146 -1.92 22.54 -23.63
C CYS B 146 -0.73 23.49 -23.72
N LEU B 147 -1.01 24.72 -24.15
CA LEU B 147 0.01 25.72 -24.45
C LEU B 147 -0.19 26.96 -23.59
N VAL B 148 0.91 27.54 -23.12
CA VAL B 148 0.90 28.77 -22.32
C VAL B 148 1.86 29.76 -22.96
N LYS B 149 1.39 31.00 -23.14
CA LYS B 149 2.18 32.01 -23.85
C LYS B 149 2.09 33.36 -23.16
N GLY B 150 3.22 34.07 -23.13
CA GLY B 150 3.25 35.45 -22.70
C GLY B 150 2.96 35.74 -21.24
N TYR B 151 3.75 35.17 -20.34
CA TYR B 151 3.62 35.45 -18.91
C TYR B 151 4.98 35.81 -18.32
N PHE B 152 4.96 36.64 -17.29
CA PHE B 152 6.16 37.03 -16.54
C PHE B 152 5.81 37.24 -15.08
N PRO B 153 6.73 36.91 -14.15
CA PRO B 153 8.04 36.24 -14.22
C PRO B 153 7.83 34.75 -14.38
N GLU B 154 8.86 33.92 -14.19
CA GLU B 154 8.65 32.49 -14.35
C GLU B 154 8.15 31.95 -13.01
N SER B 155 6.82 31.85 -12.90
CA SER B 155 6.16 30.98 -11.94
C SER B 155 4.90 30.50 -12.64
N VAL B 156 4.78 29.19 -12.87
CA VAL B 156 3.59 28.64 -13.49
C VAL B 156 3.45 27.19 -13.05
N THR B 157 2.21 26.74 -12.89
CA THR B 157 1.93 25.35 -12.55
C THR B 157 0.79 24.86 -13.40
N VAL B 158 1.05 23.86 -14.23
CA VAL B 158 0.03 23.27 -15.11
C VAL B 158 -0.23 21.85 -14.65
N THR B 159 -1.45 21.58 -14.22
CA THR B 159 -1.84 20.26 -13.75
C THR B 159 -2.89 19.67 -14.69
N TRP B 160 -3.26 18.41 -14.42
CA TRP B 160 -4.21 17.69 -15.24
C TRP B 160 -5.18 16.93 -14.35
N ASN B 161 -6.47 17.28 -14.46
CA ASN B 161 -7.55 16.57 -13.76
C ASN B 161 -7.25 16.41 -12.27
N SER B 162 -6.77 17.48 -11.65
CA SER B 162 -6.46 17.51 -10.22
C SER B 162 -5.43 16.46 -9.82
N GLY B 163 -4.53 16.13 -10.75
CA GLY B 163 -3.43 15.23 -10.46
C GLY B 163 -3.67 13.77 -10.77
N SER B 164 -4.83 13.40 -11.30
CA SER B 164 -5.11 12.02 -11.63
C SER B 164 -5.74 11.89 -13.02
N LEU B 165 -5.07 11.19 -13.92
CA LEU B 165 -3.77 10.57 -13.63
C LEU B 165 -2.71 11.06 -14.60
N SER B 166 -1.53 11.39 -14.08
CA SER B 166 -0.36 11.64 -14.93
C SER B 166 0.71 10.61 -14.61
N SER B 167 0.84 9.58 -15.44
CA SER B 167 2.09 8.84 -15.52
C SER B 167 2.87 9.08 -16.82
N SER B 168 2.23 9.67 -17.84
CA SER B 168 2.86 9.89 -19.13
C SER B 168 3.26 11.34 -19.40
N VAL B 169 2.97 12.27 -18.49
CA VAL B 169 2.99 13.68 -18.83
C VAL B 169 4.43 14.14 -19.08
N HIS B 170 4.62 14.86 -20.18
CA HIS B 170 5.88 15.53 -20.49
C HIS B 170 5.66 17.03 -20.42
N THR B 171 6.55 17.74 -19.72
CA THR B 171 6.46 19.18 -19.55
C THR B 171 7.67 19.83 -20.19
N PHE B 172 7.44 20.84 -21.03
CA PHE B 172 8.57 21.42 -21.76
C PHE B 172 9.02 22.72 -21.09
N PRO B 173 10.32 22.89 -20.85
CA PRO B 173 10.78 24.08 -20.12
C PRO B 173 10.42 25.37 -20.83
N ALA B 174 10.27 26.43 -20.04
CA ALA B 174 9.84 27.72 -20.56
C ALA B 174 10.99 28.41 -21.29
N LEU B 175 10.62 29.19 -22.30
CA LEU B 175 11.57 29.98 -23.08
C LEU B 175 11.18 31.45 -22.98
N LEU B 176 12.16 32.30 -22.67
CA LEU B 176 11.93 33.72 -22.43
C LEU B 176 12.22 34.49 -23.71
N GLN B 177 11.23 35.27 -24.17
CA GLN B 177 11.41 36.11 -25.34
C GLN B 177 10.63 37.39 -25.17
N SER B 178 11.24 38.51 -25.55
CA SER B 178 10.62 39.84 -25.45
C SER B 178 10.10 40.11 -24.03
N GLY B 179 10.80 39.59 -23.03
CA GLY B 179 10.41 39.79 -21.65
C GLY B 179 9.25 38.94 -21.18
N LEU B 180 8.79 37.99 -21.98
CA LEU B 180 7.65 37.14 -21.64
C LEU B 180 8.02 35.68 -21.87
N TYR B 181 7.69 34.83 -20.90
CA TYR B 181 7.93 33.40 -21.01
C TYR B 181 6.85 32.71 -21.83
N THR B 182 7.21 31.58 -22.43
CA THR B 182 6.28 30.74 -23.17
C THR B 182 6.66 29.28 -22.97
N MET B 183 5.67 28.43 -22.70
CA MET B 183 5.95 27.02 -22.45
C MET B 183 4.74 26.18 -22.89
N SER B 184 4.89 24.86 -22.78
CA SER B 184 3.86 23.94 -23.25
C SER B 184 3.99 22.61 -22.50
N SER B 185 2.90 21.85 -22.51
CA SER B 185 2.82 20.57 -21.84
C SER B 185 2.03 19.58 -22.67
N SER B 186 2.32 18.29 -22.46
CA SER B 186 1.67 17.23 -23.21
C SER B 186 1.47 16.02 -22.31
N VAL B 187 0.58 15.12 -22.74
CA VAL B 187 0.23 13.92 -21.99
C VAL B 187 -0.13 12.83 -22.98
N THR B 188 0.24 11.59 -22.64
CA THR B 188 -0.07 10.43 -23.48
C THR B 188 -1.08 9.55 -22.76
N VAL B 189 -2.29 9.49 -23.28
CA VAL B 189 -3.35 8.69 -22.66
C VAL B 189 -3.85 7.66 -23.66
N PRO B 190 -4.31 6.49 -23.24
CA PRO B 190 -4.78 5.48 -24.19
C PRO B 190 -6.05 5.94 -24.90
N SER B 191 -6.34 5.27 -26.01
CA SER B 191 -7.51 5.60 -26.81
C SER B 191 -8.83 5.22 -26.14
N SER B 192 -8.78 4.43 -25.06
CA SER B 192 -10.00 4.00 -24.39
C SER B 192 -10.56 5.07 -23.45
N THR B 193 -9.74 6.01 -23.00
CA THR B 193 -10.18 7.06 -22.09
C THR B 193 -10.54 8.36 -22.81
N TRP B 194 -10.40 8.42 -24.12
CA TRP B 194 -10.62 9.66 -24.85
C TRP B 194 -11.33 9.44 -26.18
N PRO B 195 -12.23 10.35 -26.56
CA PRO B 195 -12.72 11.44 -25.70
C PRO B 195 -13.95 11.04 -24.88
N SER B 196 -13.86 9.92 -24.17
CA SER B 196 -15.00 9.43 -23.41
C SER B 196 -15.16 10.19 -22.09
N GLN B 197 -14.07 10.34 -21.34
CA GLN B 197 -14.11 10.98 -20.03
C GLN B 197 -13.82 12.47 -20.16
N THR B 198 -13.65 13.14 -19.03
CA THR B 198 -13.38 14.57 -18.97
C THR B 198 -11.90 14.77 -18.63
N VAL B 199 -11.14 15.28 -19.59
CA VAL B 199 -9.72 15.59 -19.41
C VAL B 199 -9.55 17.08 -19.58
N THR B 200 -9.10 17.76 -18.52
CA THR B 200 -8.99 19.21 -18.49
C THR B 200 -7.64 19.61 -17.92
N CYS B 201 -6.95 20.50 -18.61
CA CYS B 201 -5.67 21.03 -18.14
C CYS B 201 -5.89 22.33 -17.40
N SER B 202 -5.15 22.51 -16.31
CA SER B 202 -5.25 23.69 -15.46
C SER B 202 -3.94 24.45 -15.49
N VAL B 203 -4.01 25.77 -15.67
CA VAL B 203 -2.84 26.63 -15.73
C VAL B 203 -2.97 27.68 -14.63
N ALA B 204 -2.04 27.65 -13.68
CA ALA B 204 -2.03 28.56 -12.55
C ALA B 204 -0.81 29.46 -12.62
N HIS B 205 -1.01 30.76 -12.40
CA HIS B 205 0.04 31.77 -12.42
C HIS B 205 0.02 32.49 -11.08
N PRO B 206 0.82 32.03 -10.10
CA PRO B 206 0.78 32.64 -8.76
C PRO B 206 1.29 34.06 -8.72
N ALA B 207 2.17 34.45 -9.65
CA ALA B 207 2.65 35.83 -9.68
C ALA B 207 1.52 36.80 -9.98
N SER B 208 0.75 36.53 -11.02
CA SER B 208 -0.46 37.28 -11.30
C SER B 208 -1.68 36.69 -10.62
N SER B 209 -1.55 35.53 -9.98
CA SER B 209 -2.64 34.86 -9.26
C SER B 209 -3.84 34.63 -10.19
N THR B 210 -3.57 34.08 -11.36
CA THR B 210 -4.59 33.84 -12.37
C THR B 210 -4.61 32.35 -12.72
N THR B 211 -5.73 31.70 -12.49
CA THR B 211 -5.92 30.27 -12.77
C THR B 211 -6.95 30.13 -13.88
N VAL B 212 -6.51 29.66 -15.04
CA VAL B 212 -7.36 29.43 -16.20
C VAL B 212 -7.32 27.94 -16.53
N ASP B 213 -8.49 27.33 -16.66
CA ASP B 213 -8.62 25.92 -16.97
C ASP B 213 -9.27 25.74 -18.33
N LYS B 214 -8.76 24.79 -19.11
CA LYS B 214 -9.26 24.54 -20.45
C LYS B 214 -9.40 23.04 -20.68
N LYS B 215 -10.50 22.64 -21.29
CA LYS B 215 -10.78 21.24 -21.59
C LYS B 215 -10.56 20.96 -23.07
N LEU B 216 -10.10 19.75 -23.38
CA LEU B 216 -9.72 19.38 -24.73
C LEU B 216 -10.94 18.87 -25.49
N GLU B 217 -11.26 19.54 -26.60
CA GLU B 217 -12.34 19.11 -27.48
C GLU B 217 -11.78 18.77 -28.85
N PRO B 218 -11.88 17.52 -29.33
CA PRO B 218 -11.39 17.12 -30.65
C PRO B 218 -12.13 17.84 -31.79
N ASP C 1 39.33 31.15 2.17
CA ASP C 1 38.19 30.25 2.01
C ASP C 1 38.62 28.93 1.37
N ILE C 2 37.65 28.07 1.09
CA ILE C 2 37.89 26.74 0.58
C ILE C 2 37.20 26.59 -0.77
N VAL C 3 37.91 26.01 -1.73
CA VAL C 3 37.40 25.80 -3.09
C VAL C 3 37.22 24.30 -3.28
N MET C 4 35.96 23.87 -3.44
CA MET C 4 35.65 22.48 -3.76
C MET C 4 35.53 22.38 -5.28
N THR C 5 36.48 21.67 -5.89
CA THR C 5 36.60 21.61 -7.34
C THR C 5 36.16 20.24 -7.83
N GLN C 6 35.09 20.22 -8.63
CA GLN C 6 34.67 19.01 -9.32
C GLN C 6 35.09 19.15 -10.78
N SER C 7 36.08 18.35 -11.18
CA SER C 7 36.66 18.50 -12.52
C SER C 7 35.67 18.06 -13.60
N HIS C 8 34.86 17.04 -13.32
CA HIS C 8 33.89 16.52 -14.27
C HIS C 8 32.54 17.17 -14.00
N LYS C 9 32.09 18.01 -14.93
CA LYS C 9 30.77 18.63 -14.81
C LYS C 9 29.66 17.70 -15.25
N PHE C 10 29.97 16.68 -16.05
CA PHE C 10 29.00 15.72 -16.52
C PHE C 10 29.65 14.34 -16.56
N MET C 11 28.90 13.33 -16.16
CA MET C 11 29.38 11.94 -16.22
C MET C 11 28.26 11.05 -16.76
N SER C 12 28.64 10.10 -17.61
CA SER C 12 27.70 9.20 -18.25
C SER C 12 27.81 7.81 -17.62
N THR C 13 26.66 7.15 -17.44
CA THR C 13 26.61 5.82 -16.87
C THR C 13 25.33 5.14 -17.36
N SER C 14 25.29 3.83 -17.19
CA SER C 14 24.15 3.02 -17.60
C SER C 14 23.51 2.40 -16.36
N VAL C 15 22.23 2.03 -16.51
CA VAL C 15 21.49 1.41 -15.42
C VAL C 15 22.19 0.12 -15.01
N GLY C 16 22.51 0.00 -13.73
CA GLY C 16 23.23 -1.14 -13.21
C GLY C 16 24.73 -0.99 -13.15
N ASP C 17 25.28 0.02 -13.82
CA ASP C 17 26.73 0.24 -13.82
C ASP C 17 27.17 0.85 -12.50
N ARG C 18 28.46 0.65 -12.19
CA ARG C 18 29.07 1.24 -11.00
C ARG C 18 29.64 2.61 -11.36
N VAL C 19 29.14 3.65 -10.71
CA VAL C 19 29.53 5.02 -11.03
C VAL C 19 30.14 5.65 -9.79
N SER C 20 31.11 6.56 -10.01
CA SER C 20 31.78 7.25 -8.92
C SER C 20 32.08 8.68 -9.34
N ILE C 21 31.93 9.61 -8.40
CA ILE C 21 32.18 11.03 -8.63
C ILE C 21 33.30 11.47 -7.70
N THR C 22 34.22 12.26 -8.23
CA THR C 22 35.38 12.74 -7.49
C THR C 22 35.16 14.18 -7.06
N CYS C 23 35.65 14.51 -5.86
CA CYS C 23 35.56 15.86 -5.32
C CYS C 23 36.95 16.29 -4.88
N LYS C 24 37.47 17.34 -5.51
CA LYS C 24 38.78 17.89 -5.18
C LYS C 24 38.60 19.18 -4.39
N ALA C 25 39.18 19.22 -3.19
CA ALA C 25 39.07 20.38 -2.32
C ALA C 25 40.31 21.26 -2.45
N SER C 26 40.38 22.30 -1.62
CA SER C 26 41.53 23.22 -1.64
C SER C 26 42.64 22.69 -0.73
N GLN C 27 42.40 22.70 0.58
CA GLN C 27 43.37 22.20 1.54
C GLN C 27 42.94 20.82 2.04
N ASP C 28 43.70 20.28 2.99
CA ASP C 28 43.43 18.93 3.50
C ASP C 28 42.20 18.97 4.40
N VAL C 29 41.18 18.18 4.03
CA VAL C 29 39.88 18.24 4.70
C VAL C 29 39.72 17.22 5.82
N SER C 30 40.66 16.29 5.98
CA SER C 30 40.49 15.14 6.88
C SER C 30 39.26 14.37 6.42
N THR C 31 38.35 13.98 7.31
CA THR C 31 37.22 13.14 6.97
C THR C 31 35.93 13.91 6.72
N ALA C 32 35.96 15.24 6.74
CA ALA C 32 34.72 16.01 6.75
C ALA C 32 34.31 16.34 5.32
N VAL C 33 33.28 15.65 4.83
CA VAL C 33 32.71 15.92 3.51
C VAL C 33 31.27 15.45 3.51
N ALA C 34 30.41 16.16 2.79
CA ALA C 34 29.00 15.82 2.68
C ALA C 34 28.61 15.74 1.21
N TRP C 35 27.87 14.71 0.86
CA TRP C 35 27.36 14.51 -0.49
C TRP C 35 25.85 14.67 -0.48
N TYR C 36 25.36 15.60 -1.29
CA TYR C 36 23.94 15.91 -1.41
C TYR C 36 23.42 15.53 -2.79
N GLN C 37 22.15 15.14 -2.84
CA GLN C 37 21.46 14.80 -4.08
C GLN C 37 20.29 15.75 -4.28
N GLN C 38 20.33 16.50 -5.37
CA GLN C 38 19.25 17.41 -5.74
C GLN C 38 18.63 16.92 -7.05
N LYS C 39 17.39 16.46 -6.96
CA LYS C 39 16.66 16.07 -8.17
C LYS C 39 16.12 17.31 -8.87
N PRO C 40 15.91 17.25 -10.18
CA PRO C 40 15.40 18.41 -10.91
C PRO C 40 14.05 18.85 -10.37
N GLY C 41 13.94 20.15 -10.09
CA GLY C 41 12.72 20.70 -9.54
C GLY C 41 12.50 20.44 -8.07
N GLN C 42 13.47 19.87 -7.37
CA GLN C 42 13.35 19.55 -5.96
C GLN C 42 14.47 20.20 -5.17
N SER C 43 14.27 20.30 -3.86
CA SER C 43 15.31 20.78 -2.97
C SER C 43 16.39 19.72 -2.81
N PRO C 44 17.62 20.12 -2.49
CA PRO C 44 18.68 19.14 -2.26
C PRO C 44 18.33 18.23 -1.08
N LYS C 45 18.79 16.98 -1.17
CA LYS C 45 18.57 15.98 -0.14
C LYS C 45 19.93 15.45 0.33
N LEU C 46 20.13 15.44 1.65
CA LEU C 46 21.39 14.95 2.19
C LEU C 46 21.48 13.44 2.05
N LEU C 47 22.60 12.97 1.49
CA LEU C 47 22.87 11.54 1.37
C LEU C 47 24.00 11.11 2.28
N ILE C 48 25.20 11.65 2.08
CA ILE C 48 26.39 11.19 2.78
C ILE C 48 26.93 12.33 3.65
N TYR C 49 27.40 11.98 4.85
CA TYR C 49 28.02 12.94 5.75
C TYR C 49 29.26 12.31 6.37
N SER C 50 30.32 13.12 6.49
CA SER C 50 31.57 12.74 7.15
C SER C 50 32.16 11.47 6.53
N ALA C 51 32.65 11.62 5.30
CA ALA C 51 33.34 10.56 4.56
C ALA C 51 32.41 9.36 4.44
N SER C 52 32.72 8.21 5.03
CA SER C 52 31.99 7.00 4.67
C SER C 52 30.57 6.97 5.24
N TYR C 53 30.27 7.74 6.28
CA TYR C 53 29.02 7.56 7.02
C TYR C 53 27.80 7.95 6.18
N ARG C 54 26.67 7.28 6.43
CA ARG C 54 25.43 7.50 5.71
C ARG C 54 24.39 8.11 6.64
N TYR C 55 23.60 9.04 6.11
CA TYR C 55 22.50 9.62 6.87
C TYR C 55 21.31 8.65 6.90
N THR C 56 20.45 8.85 7.90
CA THR C 56 19.26 8.02 8.03
C THR C 56 18.32 8.22 6.84
N GLY C 57 17.70 7.11 6.41
CA GLY C 57 16.81 7.17 5.27
C GLY C 57 17.50 7.07 3.92
N VAL C 58 18.77 6.70 3.89
CA VAL C 58 19.54 6.60 2.66
C VAL C 58 19.72 5.12 2.34
N PRO C 59 19.39 4.69 1.12
CA PRO C 59 19.53 3.26 0.78
C PRO C 59 20.98 2.82 0.82
N ASP C 60 21.16 1.50 0.88
CA ASP C 60 22.51 0.93 1.02
C ASP C 60 23.34 1.08 -0.24
N ARG C 61 22.72 1.32 -1.40
CA ARG C 61 23.47 1.41 -2.65
C ARG C 61 24.34 2.64 -2.74
N PHE C 62 24.15 3.63 -1.87
CA PHE C 62 24.95 4.84 -1.87
C PHE C 62 26.07 4.70 -0.84
N THR C 63 27.32 4.88 -1.30
CA THR C 63 28.48 4.84 -0.43
C THR C 63 29.38 6.03 -0.73
N GLY C 64 30.33 6.26 0.18
CA GLY C 64 31.32 7.30 -0.01
C GLY C 64 32.60 6.92 0.68
N SER C 65 33.70 7.55 0.26
CA SER C 65 35.00 7.17 0.79
C SER C 65 36.02 8.26 0.46
N GLY C 66 37.23 8.04 0.96
CA GLY C 66 38.35 8.95 0.82
C GLY C 66 38.58 9.80 2.06
N SER C 67 39.86 10.05 2.37
CA SER C 67 40.25 10.98 3.41
C SER C 67 41.43 11.79 2.90
N GLY C 68 41.26 13.09 2.77
CA GLY C 68 42.27 13.91 2.12
C GLY C 68 41.62 15.12 1.48
N THR C 69 42.27 15.61 0.43
CA THR C 69 41.64 16.62 -0.41
C THR C 69 40.64 15.99 -1.38
N ASP C 70 40.96 14.80 -1.90
CA ASP C 70 40.13 14.12 -2.88
C ASP C 70 39.18 13.14 -2.19
N PHE C 71 37.93 13.12 -2.64
CA PHE C 71 36.92 12.22 -2.10
C PHE C 71 36.15 11.56 -3.24
N THR C 72 35.52 10.43 -2.94
CA THR C 72 34.81 9.65 -3.94
C THR C 72 33.42 9.29 -3.42
N PHE C 73 32.41 9.51 -4.26
CA PHE C 73 31.04 9.09 -3.99
C PHE C 73 30.70 7.96 -4.97
N THR C 74 30.32 6.81 -4.42
CA THR C 74 30.18 5.59 -5.21
C THR C 74 28.74 5.09 -5.15
N ILE C 75 28.19 4.78 -6.33
CA ILE C 75 26.89 4.13 -6.48
C ILE C 75 27.12 2.81 -7.20
N SER C 76 26.66 1.71 -6.59
CA SER C 76 26.86 0.39 -7.17
C SER C 76 25.82 0.10 -8.25
N SER C 77 24.54 0.02 -7.86
CA SER C 77 23.46 -0.25 -8.79
C SER C 77 22.71 1.06 -9.05
N VAL C 78 22.83 1.57 -10.28
CA VAL C 78 22.17 2.81 -10.67
C VAL C 78 20.74 2.48 -11.11
N GLN C 79 19.77 3.19 -10.55
CA GLN C 79 18.38 3.02 -10.94
C GLN C 79 17.94 4.17 -11.84
N ALA C 80 16.69 4.12 -12.28
CA ALA C 80 16.15 5.18 -13.12
C ALA C 80 15.77 6.42 -12.31
N GLU C 81 15.41 6.23 -11.04
CA GLU C 81 15.09 7.34 -10.15
C GLU C 81 16.34 7.94 -9.51
N ASP C 82 17.52 7.42 -9.83
CA ASP C 82 18.78 7.95 -9.32
C ASP C 82 19.29 9.12 -10.16
N LEU C 83 18.54 9.57 -11.15
CA LEU C 83 18.95 10.67 -12.01
C LEU C 83 18.73 11.98 -11.26
N ALA C 84 19.84 12.70 -11.02
CA ALA C 84 19.82 13.95 -10.27
C ALA C 84 21.18 14.60 -10.40
N VAL C 85 21.35 15.73 -9.71
CA VAL C 85 22.62 16.45 -9.66
C VAL C 85 23.20 16.25 -8.27
N TYR C 86 24.48 15.88 -8.20
CA TYR C 86 25.15 15.57 -6.95
C TYR C 86 26.15 16.66 -6.60
N TYR C 87 26.19 17.04 -5.33
CA TYR C 87 27.09 18.08 -4.84
C TYR C 87 27.92 17.55 -3.68
N CYS C 88 29.14 18.08 -3.55
CA CYS C 88 30.00 17.79 -2.42
C CYS C 88 30.33 19.09 -1.68
N GLN C 89 30.44 19.01 -0.35
CA GLN C 89 30.53 20.20 0.48
C GLN C 89 31.45 19.91 1.67
N GLN C 90 32.21 20.92 2.08
CA GLN C 90 33.08 20.84 3.23
C GLN C 90 32.46 21.57 4.40
N HIS C 91 32.30 20.88 5.54
CA HIS C 91 31.70 21.49 6.72
C HIS C 91 32.68 21.94 7.78
N TYR C 92 33.99 21.81 7.55
CA TYR C 92 34.94 22.12 8.62
C TYR C 92 35.09 23.63 8.81
N SER C 93 35.63 24.33 7.80
CA SER C 93 36.00 25.72 7.95
C SER C 93 34.89 26.65 7.47
N ILE C 94 34.76 27.78 8.16
CA ILE C 94 33.83 28.83 7.77
C ILE C 94 34.47 29.70 6.69
N PRO C 95 33.71 30.03 5.63
CA PRO C 95 32.37 29.55 5.31
C PRO C 95 32.34 28.16 4.69
N ARG C 96 31.17 27.52 4.71
CA ARG C 96 30.99 26.23 4.04
C ARG C 96 30.78 26.47 2.55
N THR C 97 31.51 25.71 1.73
CA THR C 97 31.45 25.87 0.29
C THR C 97 31.03 24.58 -0.39
N PHE C 98 30.54 24.70 -1.61
CA PHE C 98 30.06 23.58 -2.40
C PHE C 98 30.90 23.44 -3.67
N GLY C 99 30.87 22.24 -4.24
CA GLY C 99 31.49 22.00 -5.52
C GLY C 99 30.63 22.50 -6.67
N GLY C 100 31.21 22.47 -7.87
CA GLY C 100 30.48 22.90 -9.05
C GLY C 100 29.29 22.03 -9.38
N GLY C 101 29.30 20.78 -8.95
CA GLY C 101 28.21 19.87 -9.21
C GLY C 101 28.49 18.98 -10.40
N THR C 102 27.98 17.76 -10.35
CA THR C 102 28.14 16.79 -11.43
C THR C 102 26.77 16.25 -11.80
N LYS C 103 26.32 16.53 -13.02
CA LYS C 103 25.04 16.04 -13.50
C LYS C 103 25.24 14.64 -14.09
N LEU C 104 24.57 13.66 -13.51
CA LEU C 104 24.72 12.26 -13.92
C LEU C 104 23.66 11.92 -14.95
N GLU C 105 24.08 11.67 -16.19
CA GLU C 105 23.17 11.30 -17.25
C GLU C 105 23.22 9.80 -17.48
N ILE C 106 22.05 9.20 -17.69
CA ILE C 106 21.93 7.75 -17.80
C ILE C 106 22.00 7.35 -19.27
N LYS C 107 22.81 6.34 -19.57
CA LYS C 107 22.99 5.83 -20.92
C LYS C 107 22.15 4.57 -21.09
N ARG C 108 21.45 4.48 -22.22
CA ARG C 108 20.61 3.33 -22.51
C ARG C 108 20.59 3.11 -24.03
N ALA C 109 19.76 2.17 -24.46
CA ALA C 109 19.63 1.88 -25.89
C ALA C 109 18.83 2.99 -26.58
N ASP C 110 19.00 3.06 -27.90
CA ASP C 110 18.31 4.06 -28.69
C ASP C 110 16.80 3.83 -28.67
N ALA C 111 16.05 4.91 -28.88
CA ALA C 111 14.60 4.86 -28.89
C ALA C 111 14.07 5.71 -30.02
N ALA C 112 13.05 5.21 -30.70
CA ALA C 112 12.45 5.92 -31.82
C ALA C 112 11.57 7.06 -31.32
N PRO C 113 11.85 8.31 -31.67
CA PRO C 113 11.00 9.42 -31.22
C PRO C 113 9.62 9.34 -31.85
N THR C 114 8.59 9.52 -31.02
CA THR C 114 7.22 9.66 -31.50
C THR C 114 6.95 11.14 -31.77
N VAL C 115 6.65 11.47 -33.01
CA VAL C 115 6.44 12.85 -33.46
C VAL C 115 4.95 13.06 -33.70
N SER C 116 4.41 14.13 -33.13
CA SER C 116 2.99 14.46 -33.28
C SER C 116 2.84 15.94 -33.55
N ILE C 117 2.21 16.28 -34.67
CA ILE C 117 2.02 17.67 -35.08
C ILE C 117 0.61 18.09 -34.69
N PHE C 118 0.46 19.34 -34.25
CA PHE C 118 -0.84 19.81 -33.79
C PHE C 118 -1.19 21.15 -34.43
N PRO C 119 -2.44 21.32 -34.85
CA PRO C 119 -2.91 22.58 -35.44
C PRO C 119 -3.26 23.60 -34.36
N PRO C 120 -3.32 24.88 -34.72
CA PRO C 120 -3.74 25.89 -33.75
C PRO C 120 -5.23 25.78 -33.42
N SER C 121 -5.55 26.00 -32.16
CA SER C 121 -6.94 25.96 -31.67
C SER C 121 -7.70 27.22 -32.09
N SER C 122 -9.03 27.11 -32.05
CA SER C 122 -9.87 28.25 -32.37
C SER C 122 -9.78 29.36 -31.33
N GLU C 123 -9.51 28.99 -30.06
CA GLU C 123 -9.35 30.00 -29.03
C GLU C 123 -8.20 30.95 -29.34
N GLN C 124 -7.12 30.41 -29.92
CA GLN C 124 -6.02 31.25 -30.35
C GLN C 124 -6.36 32.04 -31.61
N LEU C 125 -7.22 31.49 -32.47
CA LEU C 125 -7.65 32.21 -33.65
C LEU C 125 -8.54 33.40 -33.30
N THR C 126 -9.27 33.31 -32.19
CA THR C 126 -10.04 34.46 -31.73
C THR C 126 -9.13 35.63 -31.36
N SER C 127 -7.94 35.35 -30.84
CA SER C 127 -7.00 36.38 -30.45
C SER C 127 -6.11 36.86 -31.59
N GLY C 128 -6.24 36.27 -32.78
CA GLY C 128 -5.50 36.75 -33.93
C GLY C 128 -4.13 36.16 -34.15
N GLY C 129 -3.89 34.93 -33.70
CA GLY C 129 -2.60 34.29 -33.94
C GLY C 129 -2.78 32.79 -34.09
N ALA C 130 -1.74 32.14 -34.60
CA ALA C 130 -1.81 30.70 -34.81
C ALA C 130 -0.43 30.08 -34.67
N SER C 131 -0.36 28.89 -34.09
CA SER C 131 0.90 28.21 -33.90
C SER C 131 0.75 26.73 -34.20
N VAL C 132 1.59 26.22 -35.09
CA VAL C 132 1.67 24.79 -35.38
C VAL C 132 2.73 24.18 -34.48
N VAL C 133 2.40 23.05 -33.86
CA VAL C 133 3.28 22.42 -32.88
C VAL C 133 3.81 21.11 -33.42
N CYS C 134 5.04 20.76 -33.04
CA CYS C 134 5.65 19.48 -33.38
C CYS C 134 6.27 18.91 -32.12
N PHE C 135 5.78 17.76 -31.68
CA PHE C 135 6.21 17.13 -30.44
C PHE C 135 7.06 15.91 -30.73
N LEU C 136 8.19 15.80 -30.03
CA LEU C 136 9.10 14.67 -30.14
C LEU C 136 9.22 14.04 -28.77
N ASN C 137 8.73 12.81 -28.62
CA ASN C 137 8.65 12.15 -27.32
C ASN C 137 9.40 10.83 -27.33
N ASN C 138 10.04 10.52 -26.20
CA ASN C 138 10.63 9.22 -25.93
C ASN C 138 11.67 8.83 -26.98
N PHE C 139 12.81 9.54 -26.93
CA PHE C 139 13.95 9.23 -27.78
C PHE C 139 15.23 9.36 -26.96
N TYR C 140 16.36 9.10 -27.61
CA TYR C 140 17.67 9.13 -26.99
C TYR C 140 18.74 8.83 -28.04
N PRO C 141 19.86 9.57 -28.01
CA PRO C 141 20.21 10.62 -27.05
C PRO C 141 19.57 11.98 -27.36
N LYS C 142 20.02 13.01 -26.63
CA LYS C 142 19.43 14.34 -26.77
C LYS C 142 19.63 14.91 -28.16
N ASP C 143 20.70 14.51 -28.86
CA ASP C 143 21.01 15.13 -30.14
C ASP C 143 20.04 14.64 -31.21
N ILE C 144 19.29 15.57 -31.79
CA ILE C 144 18.37 15.26 -32.88
C ILE C 144 18.16 16.53 -33.68
N ASN C 145 17.96 16.38 -34.99
CA ASN C 145 17.66 17.49 -35.88
C ASN C 145 16.17 17.60 -36.09
N VAL C 146 15.67 18.84 -36.19
CA VAL C 146 14.26 19.11 -36.44
C VAL C 146 14.16 20.07 -37.60
N LYS C 147 13.47 19.66 -38.66
CA LYS C 147 13.27 20.48 -39.84
C LYS C 147 11.79 20.72 -40.06
N TRP C 148 11.44 21.97 -40.36
CA TRP C 148 10.06 22.39 -40.57
C TRP C 148 9.79 22.63 -42.04
N LYS C 149 8.57 22.31 -42.46
CA LYS C 149 8.11 22.57 -43.82
C LYS C 149 6.70 23.13 -43.76
N ILE C 150 6.51 24.35 -44.24
CA ILE C 150 5.17 24.94 -44.27
C ILE C 150 4.41 24.28 -45.40
N ASP C 151 4.72 24.64 -46.64
CA ASP C 151 4.35 23.84 -47.80
C ASP C 151 5.63 23.55 -48.59
N GLY C 152 6.11 22.31 -48.52
CA GLY C 152 7.19 21.87 -49.39
C GLY C 152 8.52 22.57 -49.20
N SER C 153 8.56 23.55 -48.29
CA SER C 153 9.69 24.45 -48.17
C SER C 153 10.16 24.51 -46.72
N GLU C 154 11.48 24.47 -46.53
CA GLU C 154 12.05 24.45 -45.19
C GLU C 154 11.82 25.81 -44.51
N ARG C 155 11.20 25.78 -43.34
CA ARG C 155 10.89 26.98 -42.58
C ARG C 155 11.78 27.02 -41.36
N GLN C 156 12.78 27.91 -41.38
CA GLN C 156 13.70 28.07 -40.26
C GLN C 156 13.36 29.27 -39.39
N ASN C 157 12.34 30.05 -39.73
CA ASN C 157 11.98 31.24 -38.99
C ASN C 157 10.75 30.96 -38.12
N GLY C 158 10.81 31.41 -36.87
CA GLY C 158 9.72 31.17 -35.94
C GLY C 158 9.73 29.79 -35.32
N VAL C 159 10.86 29.10 -35.34
CA VAL C 159 10.98 27.74 -34.80
C VAL C 159 11.73 27.82 -33.48
N LEU C 160 11.17 27.20 -32.44
CA LEU C 160 11.79 27.15 -31.13
C LEU C 160 11.91 25.69 -30.70
N ASN C 161 13.13 25.26 -30.41
CA ASN C 161 13.41 23.91 -29.94
C ASN C 161 13.65 23.94 -28.44
N SER C 162 12.92 23.10 -27.70
CA SER C 162 13.04 23.02 -26.25
C SER C 162 13.28 21.57 -25.86
N TRP C 163 14.45 21.30 -25.29
CA TRP C 163 14.80 19.97 -24.80
C TRP C 163 14.54 19.90 -23.31
N THR C 164 13.83 18.86 -22.88
CA THR C 164 13.57 18.66 -21.46
C THR C 164 14.75 17.95 -20.80
N ASP C 165 14.67 17.79 -19.49
CA ASP C 165 15.63 16.96 -18.76
C ASP C 165 15.33 15.48 -19.00
N GLN C 166 16.34 14.66 -18.73
CA GLN C 166 16.20 13.22 -18.90
C GLN C 166 15.09 12.68 -18.00
N ASP C 167 14.47 11.60 -18.44
CA ASP C 167 13.35 11.01 -17.72
C ASP C 167 13.85 10.11 -16.59
N SER C 168 13.08 10.08 -15.51
CA SER C 168 13.42 9.30 -14.33
C SER C 168 12.79 7.91 -14.33
N LYS C 169 12.09 7.53 -15.39
CA LYS C 169 11.44 6.22 -15.48
C LYS C 169 12.12 5.36 -16.54
N ASP C 170 11.92 5.67 -17.82
CA ASP C 170 12.56 4.93 -18.90
C ASP C 170 13.83 5.60 -19.41
N SER C 171 14.19 6.77 -18.86
CA SER C 171 15.38 7.53 -19.25
C SER C 171 15.36 7.85 -20.75
N THR C 172 14.38 8.68 -21.12
CA THR C 172 14.19 9.09 -22.50
C THR C 172 13.95 10.60 -22.55
N TYR C 173 14.74 11.28 -23.36
CA TYR C 173 14.57 12.72 -23.54
C TYR C 173 13.32 13.02 -24.37
N SER C 174 12.84 14.25 -24.24
CA SER C 174 11.71 14.73 -25.02
C SER C 174 11.95 16.19 -25.38
N MET C 175 11.55 16.58 -26.59
CA MET C 175 11.75 17.95 -27.05
C MET C 175 10.52 18.41 -27.82
N SER C 176 10.36 19.72 -27.90
CA SER C 176 9.24 20.35 -28.58
C SER C 176 9.76 21.39 -29.56
N SER C 177 9.27 21.35 -30.79
CA SER C 177 9.56 22.34 -31.81
C SER C 177 8.29 23.13 -32.08
N THR C 178 8.35 24.44 -31.88
CA THR C 178 7.18 25.31 -31.99
C THR C 178 7.34 26.24 -33.19
N LEU C 179 6.28 26.35 -33.98
CA LEU C 179 6.23 27.28 -35.10
C LEU C 179 5.10 28.27 -34.83
N THR C 180 5.46 29.54 -34.61
CA THR C 180 4.51 30.59 -34.26
C THR C 180 4.36 31.54 -35.43
N LEU C 181 3.11 31.79 -35.84
CA LEU C 181 2.82 32.60 -37.01
C LEU C 181 1.55 33.41 -36.79
N THR C 182 1.37 34.42 -37.63
CA THR C 182 0.18 35.26 -37.59
C THR C 182 -1.02 34.50 -38.18
N LYS C 183 -2.21 34.97 -37.83
CA LYS C 183 -3.43 34.36 -38.34
C LYS C 183 -3.57 34.57 -39.84
N ASP C 184 -3.22 35.77 -40.32
CA ASP C 184 -3.33 36.07 -41.74
C ASP C 184 -2.45 35.13 -42.57
N GLU C 185 -1.25 34.83 -42.08
CA GLU C 185 -0.38 33.90 -42.78
C GLU C 185 -0.81 32.45 -42.57
N TYR C 186 -1.46 32.15 -41.45
CA TYR C 186 -1.93 30.79 -41.22
C TYR C 186 -3.11 30.44 -42.11
N GLU C 187 -3.96 31.40 -42.45
CA GLU C 187 -5.11 31.12 -43.30
C GLU C 187 -4.75 31.11 -44.78
N ARG C 188 -3.51 31.40 -45.14
CA ARG C 188 -3.04 31.35 -46.52
C ARG C 188 -2.34 30.04 -46.86
N HIS C 189 -2.22 29.12 -45.91
CA HIS C 189 -1.59 27.83 -46.15
C HIS C 189 -2.44 26.73 -45.53
N ASN C 190 -2.29 25.51 -46.06
CA ASN C 190 -3.17 24.39 -45.70
C ASN C 190 -2.41 23.29 -44.98
N SER C 191 -1.61 22.49 -45.69
CA SER C 191 -1.00 21.30 -45.10
C SER C 191 0.37 21.63 -44.54
N TYR C 192 0.52 21.49 -43.22
CA TYR C 192 1.79 21.71 -42.54
C TYR C 192 2.51 20.39 -42.30
N THR C 193 3.84 20.43 -42.40
CA THR C 193 4.67 19.24 -42.24
C THR C 193 5.84 19.56 -41.33
N CYS C 194 6.14 18.66 -40.40
CA CYS C 194 7.35 18.76 -39.60
C CYS C 194 8.03 17.39 -39.57
N GLU C 195 9.35 17.38 -39.74
CA GLU C 195 10.12 16.16 -39.79
C GLU C 195 11.29 16.24 -38.80
N ALA C 196 11.77 15.07 -38.40
CA ALA C 196 12.86 14.98 -37.43
C ALA C 196 13.86 13.94 -37.89
N THR C 197 15.14 14.30 -37.86
CA THR C 197 16.23 13.42 -38.25
C THR C 197 16.96 12.97 -36.99
N HIS C 198 16.94 11.66 -36.73
CA HIS C 198 17.59 11.08 -35.56
C HIS C 198 18.54 9.98 -36.01
N LYS C 199 19.23 9.36 -35.05
CA LYS C 199 20.20 8.32 -35.35
C LYS C 199 19.61 6.92 -35.30
N THR C 200 18.34 6.77 -34.91
CA THR C 200 17.73 5.46 -34.90
C THR C 200 17.43 4.97 -36.31
N SER C 201 17.06 5.89 -37.20
CA SER C 201 16.78 5.55 -38.59
C SER C 201 17.27 6.69 -39.48
N THR C 202 17.67 6.34 -40.70
CA THR C 202 18.18 7.34 -41.63
C THR C 202 17.07 8.20 -42.20
N SER C 203 15.85 7.67 -42.28
CA SER C 203 14.74 8.41 -42.84
C SER C 203 14.13 9.33 -41.77
N PRO C 204 14.09 10.63 -41.99
CA PRO C 204 13.46 11.52 -40.99
C PRO C 204 11.98 11.27 -40.87
N ILE C 205 11.51 11.21 -39.63
CA ILE C 205 10.08 11.01 -39.38
C ILE C 205 9.31 12.25 -39.80
N VAL C 206 8.28 12.05 -40.61
CA VAL C 206 7.53 13.13 -41.24
C VAL C 206 6.09 13.07 -40.76
N LYS C 207 5.58 14.19 -40.26
CA LYS C 207 4.18 14.32 -39.88
C LYS C 207 3.57 15.51 -40.59
N SER C 208 2.31 15.40 -40.99
CA SER C 208 1.64 16.45 -41.74
C SER C 208 0.17 16.47 -41.38
N PHE C 209 -0.45 17.63 -41.59
CA PHE C 209 -1.89 17.75 -41.41
C PHE C 209 -2.43 18.82 -42.38
N ASN C 210 -3.75 18.80 -42.57
CA ASN C 210 -4.43 19.75 -43.43
C ASN C 210 -5.15 20.78 -42.58
N ARG C 211 -5.19 22.03 -43.06
CA ARG C 211 -5.79 23.11 -42.29
C ARG C 211 -7.31 23.11 -42.33
N ASN C 212 -7.92 22.48 -43.32
CA ASN C 212 -9.37 22.58 -43.49
C ASN C 212 -10.01 21.44 -42.72
N GLU C 213 -10.58 21.78 -41.57
CA GLU C 213 -11.37 20.87 -40.73
C GLU C 213 -10.74 19.49 -40.62
N CYS C 214 -9.42 19.48 -40.38
CA CYS C 214 -8.61 18.26 -40.27
C CYS C 214 -9.07 17.11 -41.17
C05 69D D . -12.61 -18.93 6.78
C07 69D D . -13.35 -17.95 7.26
C08 69D D . -14.69 -17.94 7.49
C10 69D D . -12.01 -18.67 5.35
C11 69D D . -15.06 -19.39 6.99
C13 69D D . -12.83 -16.76 7.64
C14 69D D . -15.31 -16.60 8.10
C15 69D D . -10.64 -18.77 5.18
C16 69D D . -12.83 -18.38 4.27
C17 69D D . -13.36 -15.81 8.10
C18 69D D . -14.46 -15.61 8.35
C19 69D D . -10.08 -18.56 3.93
C20 69D D . -12.26 -18.17 3.02
C21 69D D . -10.89 -18.26 2.85
C24 69D D . -14.94 -14.28 8.93
BR 69D D . -10.08 -17.98 1.11
O02 69D D . -13.55 -20.10 6.72
N03 69D D . -11.80 -20.82 10.89
N04 69D D . -15.30 -13.30 9.36
C06 69D D . -11.46 -19.24 7.74
C09 69D D . -11.82 -20.51 8.50
C12 69D D . -10.94 -20.69 9.73
C22 69D D . -10.99 -21.07 12.07
C23 69D D . -12.51 -19.57 11.06
C1 NAG E . 10.49 10.99 15.36
C2 NAG E . 10.90 11.73 14.09
C3 NAG E . 10.31 13.13 14.08
C4 NAG E . 8.79 13.06 14.26
C5 NAG E . 8.45 12.26 15.53
C6 NAG E . 6.97 12.04 15.70
C7 NAG E . 12.99 11.75 12.80
C8 NAG E . 14.48 11.84 12.85
N2 NAG E . 12.35 11.79 13.97
O3 NAG E . 10.61 13.77 12.84
O4 NAG E . 8.25 14.37 14.37
O5 NAG E . 9.06 10.97 15.47
O6 NAG E . 6.68 10.71 16.11
O7 NAG E . 12.39 11.64 11.74
C1 CLR F . -17.47 10.34 3.29
C2 CLR F . -16.60 11.57 3.09
C3 CLR F . -15.14 11.14 3.18
C4 CLR F . -14.82 10.12 2.10
C5 CLR F . -15.85 9.03 2.04
C6 CLR F . -15.46 7.76 1.87
C7 CLR F . -16.38 6.60 2.11
C8 CLR F . -17.75 6.95 1.56
C9 CLR F . -18.25 8.17 2.30
C10 CLR F . -17.32 9.39 2.12
C11 CLR F . -19.71 8.47 1.92
C12 CLR F . -20.63 7.24 1.91
C13 CLR F . -20.04 6.15 1.06
C14 CLR F . -18.73 5.81 1.71
C15 CLR F . -18.30 4.49 1.11
C16 CLR F . -19.62 3.77 0.87
C17 CLR F . -20.74 4.79 1.01
C18 CLR F . -19.84 6.70 -0.35
C19 CLR F . -17.65 10.14 0.86
C20 CLR F . -21.75 4.60 -0.12
C21 CLR F . -22.95 5.51 0.07
C22 CLR F . -22.18 3.14 -0.23
C23 CLR F . -21.53 2.49 -1.45
C24 CLR F . -21.22 1.01 -1.23
C25 CLR F . -21.26 0.21 -2.52
C26 CLR F . -20.31 -0.98 -2.46
C27 CLR F . -22.68 -0.26 -2.84
O1 CLR F . -14.31 12.28 2.99
C1 D12 G . -14.11 -11.57 18.84
C2 D12 G . -14.84 -11.72 17.52
C3 D12 G . -14.00 -12.43 16.47
C4 D12 G . -14.63 -12.37 15.10
C5 D12 G . -14.79 -10.96 14.58
C6 D12 G . -15.84 -10.85 13.51
C7 D12 G . -16.49 -9.48 13.46
C8 D12 G . -17.94 -9.49 13.92
C9 D12 G . -18.07 -9.72 15.41
C10 D12 G . -19.49 -9.52 15.90
C11 D12 G . -19.63 -9.77 17.39
C12 D12 G . -18.65 -8.97 18.22
C1 HEX H . -25.47 0.91 3.56
C2 HEX H . -26.57 1.06 4.59
C3 HEX H . -26.54 -0.12 5.53
C4 HEX H . -27.80 -0.13 6.38
C5 HEX H . -27.80 -1.35 7.28
C6 HEX H . -29.14 -1.46 7.98
C1 NAG I . 19.87 8.87 30.98
C2 NAG I . 21.10 9.64 30.48
C3 NAG I . 20.71 11.06 30.10
C4 NAG I . 19.55 11.06 29.11
C5 NAG I . 18.39 10.23 29.67
C6 NAG I . 17.26 10.07 28.68
C7 NAG I . 23.45 9.70 31.17
C8 NAG I . 24.40 9.70 32.33
N2 NAG I . 22.16 9.64 31.49
O3 NAG I . 21.84 11.71 29.52
O4 NAG I . 19.10 12.39 28.88
O5 NAG I . 18.85 8.90 29.99
O6 NAG I . 16.59 11.31 28.47
O7 NAG I . 23.84 9.77 30.01
#